data_3BO7
#
_entry.id   3BO7
#
_cell.length_a   149.631
_cell.length_b   100.805
_cell.length_c   86.184
_cell.angle_alpha   90.00
_cell.angle_beta   116.28
_cell.angle_gamma   90.00
#
_symmetry.space_group_name_H-M   'C 1 2 1'
#
loop_
_entity.id
_entity.type
_entity.pdbx_description
1 polymer 'PEPTIDYL-PROLYL CIS-TRANS ISOMERASE CYCLOPHILIN-TYPE'
2 polymer 'CYCLOSPORIN A'
3 non-polymer 'SULFATE ION'
4 non-polymer 1,2-ETHANEDIOL
5 water water
#
loop_
_entity_poly.entity_id
_entity_poly.type
_entity_poly.pdbx_seq_one_letter_code
_entity_poly.pdbx_strand_id
1 'polypeptide(L)'
;GKLKKKGYLRIVTTQGSLNIELHADMAPRACDSFLRLCAVKYFDDTIFHRCIRNFMIQGGRAELRQPSKKKEVQQSPRSI
SGFPGGAPFEDEFDNRLVHQGIGVLSMANDGKHSNLSEFFITFKSCEHLNNKHTIFGRVVGGLDVLRQWEKLETDKKDKP
LKPPKVEEIIVFKNPFEDARKEMEDEKREEEEKEKKKLENA
;
A,B,C,D
2 'polypeptide(L)' (DAL)(MLE)(MLE)(MVA)(BMT)(ABA)(SAR)(MLE)V(MLE)A E,F,G,H
#
loop_
_chem_comp.id
_chem_comp.type
_chem_comp.name
_chem_comp.formula
EDO non-polymer 1,2-ETHANEDIOL 'C2 H6 O2'
SO4 non-polymer 'SULFATE ION' 'O4 S -2'
#
# COMPACT_ATOMS: atom_id res chain seq x y z
N LYS A 5 13.11 27.20 7.24
CA LYS A 5 13.07 27.06 8.73
C LYS A 5 13.58 25.69 9.19
N LYS A 6 14.64 25.68 9.97
CA LYS A 6 15.26 24.43 10.38
C LYS A 6 15.18 24.28 11.89
N GLY A 7 15.23 23.03 12.35
CA GLY A 7 15.34 22.71 13.77
C GLY A 7 16.75 22.23 14.04
N TYR A 8 17.23 22.41 15.27
CA TYR A 8 18.57 21.94 15.68
C TYR A 8 18.50 21.21 17.01
N LEU A 9 19.20 20.08 17.07
CA LEU A 9 19.17 19.23 18.27
C LEU A 9 20.41 18.37 18.41
N ARG A 10 20.72 18.00 19.64
CA ARG A 10 21.78 17.03 19.93
C ARG A 10 21.22 15.78 20.59
N ILE A 11 21.52 14.63 20.00
CA ILE A 11 21.22 13.34 20.61
C ILE A 11 22.45 12.91 21.40
N VAL A 12 22.30 12.77 22.71
CA VAL A 12 23.39 12.36 23.58
C VAL A 12 23.23 10.88 23.90
N THR A 13 24.18 10.05 23.46
CA THR A 13 24.10 8.62 23.77
C THR A 13 25.24 8.17 24.67
N THR A 14 25.13 6.93 25.14
CA THR A 14 26.15 6.31 25.98
C THR A 14 27.44 6.04 25.20
N GLN A 15 27.41 6.29 23.88
CA GLN A 15 28.58 6.03 23.02
C GLN A 15 28.80 7.17 22.02
N GLY A 16 28.61 8.40 22.47
CA GLY A 16 28.83 9.56 21.63
C GLY A 16 27.58 10.40 21.42
N SER A 17 27.79 11.60 20.88
CA SER A 17 26.70 12.56 20.65
C SER A 17 26.63 12.97 19.18
N LEU A 18 25.42 13.24 18.72
CA LEU A 18 25.19 13.65 17.34
C LEU A 18 24.48 14.98 17.27
N ASN A 19 25.04 15.89 16.46
CA ASN A 19 24.41 17.18 16.18
C ASN A 19 23.59 17.09 14.90
N ILE A 20 22.34 17.51 14.99
CA ILE A 20 21.39 17.25 13.92
C ILE A 20 20.63 18.52 13.50
N GLU A 21 20.53 18.69 12.19
CA GLU A 21 19.66 19.69 11.58
C GLU A 21 18.40 19.00 11.07
N LEU A 22 17.25 19.56 11.42
CA LEU A 22 15.97 19.06 10.92
C LEU A 22 15.44 19.93 9.78
N HIS A 23 15.08 19.29 8.67
CA HIS A 23 14.51 19.99 7.51
C HIS A 23 13.01 20.26 7.65
N ALA A 24 12.67 21.06 8.66
CA ALA A 24 11.29 21.50 8.92
C ALA A 24 10.67 22.26 7.75
N ASP A 25 11.53 22.73 6.85
CA ASP A 25 11.08 23.42 5.64
C ASP A 25 10.56 22.49 4.54
N MET A 26 11.09 21.27 4.50
CA MET A 26 10.77 20.29 3.44
C MET A 26 10.04 19.06 3.98
N ALA A 27 10.19 18.79 5.27
CA ALA A 27 9.48 17.69 5.92
C ALA A 27 8.91 18.12 7.29
N PRO A 28 8.02 19.15 7.28
CA PRO A 28 7.45 19.73 8.50
C PRO A 28 6.77 18.76 9.46
N ARG A 29 5.98 17.82 8.94
CA ARG A 29 5.21 16.91 9.81
C ARG A 29 6.11 15.95 10.57
N ALA A 30 7.13 15.43 9.89
CA ALA A 30 8.09 14.51 10.50
C ALA A 30 8.95 15.21 11.55
N CYS A 31 9.33 16.46 11.27
CA CYS A 31 10.13 17.25 12.20
C CYS A 31 9.31 17.63 13.42
N ASP A 32 8.09 18.09 13.17
CA ASP A 32 7.15 18.43 14.24
C ASP A 32 6.88 17.26 15.16
N SER A 33 6.50 16.12 14.59
CA SER A 33 6.29 14.89 15.36
C SER A 33 7.48 14.58 16.25
N PHE A 34 8.67 14.63 15.66
CA PHE A 34 9.90 14.24 16.34
C PHE A 34 10.16 15.15 17.54
N LEU A 35 9.99 16.46 17.32
CA LEU A 35 10.21 17.49 18.33
C LEU A 35 9.16 17.43 19.42
N ARG A 36 7.93 17.14 19.04
CA ARG A 36 6.87 16.89 20.05
C ARG A 36 7.20 15.70 20.96
N LEU A 37 7.88 14.70 20.40
CA LEU A 37 8.32 13.51 21.16
C LEU A 37 9.53 13.82 22.02
N CYS A 38 10.48 14.56 21.46
CA CYS A 38 11.59 15.12 22.23
C CYS A 38 11.10 15.91 23.46
N ALA A 39 10.01 16.66 23.30
CA ALA A 39 9.45 17.48 24.37
C ALA A 39 9.09 16.66 25.62
N VAL A 40 8.47 15.50 25.42
CA VAL A 40 8.01 14.63 26.51
C VAL A 40 9.00 13.52 26.86
N LYS A 41 10.26 13.68 26.40
CA LYS A 41 11.37 12.76 26.72
C LYS A 41 11.20 11.31 26.22
N TYR A 42 10.28 11.11 25.30
CA TYR A 42 10.01 9.84 24.62
C TYR A 42 11.23 9.01 24.22
N PHE A 43 12.27 9.67 23.70
CA PHE A 43 13.44 8.97 23.17
C PHE A 43 14.49 8.59 24.22
N ASP A 44 14.35 9.16 25.43
CA ASP A 44 15.25 8.84 26.53
C ASP A 44 15.18 7.35 26.81
N ASP A 45 16.35 6.72 26.83
CA ASP A 45 16.52 5.28 27.11
C ASP A 45 16.21 4.32 25.95
N THR A 46 15.73 4.84 24.83
CA THR A 46 15.65 4.04 23.61
C THR A 46 17.07 3.73 23.11
N ILE A 47 17.19 2.65 22.34
CA ILE A 47 18.48 2.19 21.83
C ILE A 47 18.58 2.31 20.31
N PHE A 48 19.77 2.07 19.79
CA PHE A 48 19.96 1.86 18.36
C PHE A 48 20.08 0.34 18.14
N HIS A 49 18.95 -0.26 17.75
CA HIS A 49 18.73 -1.72 17.86
C HIS A 49 19.02 -2.50 16.58
N ARG A 50 19.29 -1.80 15.50
CA ARG A 50 19.63 -2.46 14.25
C ARG A 50 20.74 -1.65 13.54
N CYS A 51 21.84 -2.32 13.24
CA CYS A 51 23.05 -1.67 12.77
C CYS A 51 23.72 -2.53 11.70
N ILE A 52 23.72 -2.02 10.47
CA ILE A 52 24.32 -2.73 9.35
C ILE A 52 25.43 -1.90 8.69
N ARG A 53 26.66 -2.40 8.84
CA ARG A 53 27.85 -1.81 8.23
CA ARG A 53 27.84 -1.80 8.23
C ARG A 53 27.58 -1.46 6.78
N ASN A 54 28.03 -0.28 6.37
CA ASN A 54 27.86 0.21 4.99
C ASN A 54 26.41 0.49 4.56
N PHE A 55 25.52 0.63 5.54
CA PHE A 55 24.13 0.90 5.25
C PHE A 55 23.59 1.97 6.19
N MET A 56 23.18 1.57 7.39
CA MET A 56 22.57 2.51 8.35
C MET A 56 22.51 1.92 9.75
N ILE A 57 22.20 2.77 10.72
CA ILE A 57 21.84 2.36 12.06
C ILE A 57 20.43 2.89 12.34
N GLN A 58 19.62 2.08 13.02
CA GLN A 58 18.21 2.33 13.21
C GLN A 58 17.85 2.44 14.68
N GLY A 59 17.03 3.44 15.04
CA GLY A 59 16.58 3.66 16.43
C GLY A 59 15.14 4.13 16.56
N GLY A 60 14.77 4.60 17.74
CA GLY A 60 13.47 5.23 17.97
C GLY A 60 12.30 4.32 18.33
N ARG A 61 12.57 3.05 18.58
CA ARG A 61 11.52 2.09 18.90
C ARG A 61 11.14 2.10 20.38
N ALA A 62 9.95 2.60 20.68
CA ALA A 62 9.44 2.64 22.06
C ALA A 62 9.43 1.26 22.74
N GLU A 63 9.04 0.24 21.99
CA GLU A 63 8.96 -1.14 22.48
C GLU A 63 10.29 -1.70 23.01
N LEU A 64 11.41 -1.11 22.57
CA LEU A 64 12.74 -1.58 22.96
C LEU A 64 13.45 -0.65 23.94
N ARG A 65 12.73 0.35 24.44
CA ARG A 65 13.27 1.26 25.44
C ARG A 65 13.71 0.52 26.70
N GLN A 66 14.97 0.77 27.10
CA GLN A 66 15.55 0.12 28.28
C GLN A 66 15.49 1.10 29.44
N PRO A 67 14.28 1.24 29.97
CA PRO A 67 13.96 2.21 31.00
C PRO A 67 14.29 1.68 32.40
N GLN A 75 7.93 7.21 28.08
CA GLN A 75 6.80 6.80 28.91
C GLN A 75 5.86 5.84 28.19
N SER A 76 5.57 6.10 26.92
CA SER A 76 4.68 5.24 26.12
C SER A 76 5.35 3.92 25.71
N PRO A 77 4.72 2.77 26.04
CA PRO A 77 5.29 1.46 25.76
C PRO A 77 5.30 1.07 24.27
N ARG A 78 4.31 1.51 23.50
CA ARG A 78 4.29 1.28 22.06
C ARG A 78 4.66 2.55 21.27
N SER A 79 5.15 2.35 20.04
CA SER A 79 5.56 3.44 19.18
C SER A 79 4.36 4.27 18.72
N ILE A 80 4.52 5.58 18.84
CA ILE A 80 3.49 6.54 18.48
C ILE A 80 4.19 7.70 17.77
N SER A 81 3.43 8.50 17.03
CA SER A 81 3.95 9.76 16.54
C SER A 81 3.83 10.81 17.65
N GLY A 82 4.41 11.99 17.43
CA GLY A 82 4.34 13.08 18.40
C GLY A 82 3.03 13.84 18.45
N PHE A 83 2.14 13.60 17.49
CA PHE A 83 0.83 14.28 17.40
C PHE A 83 -0.19 13.73 18.41
N PRO A 84 -1.19 14.56 18.81
CA PRO A 84 -2.27 14.03 19.68
C PRO A 84 -2.97 12.80 19.11
N GLY A 85 -3.04 11.74 19.90
CA GLY A 85 -3.65 10.49 19.45
C GLY A 85 -2.59 9.49 19.03
N GLY A 86 -1.43 9.98 18.60
CA GLY A 86 -0.29 9.13 18.24
C GLY A 86 -0.42 8.37 16.93
N ALA A 87 -1.36 8.77 16.08
CA ALA A 87 -1.60 8.05 14.82
C ALA A 87 -0.42 8.24 13.84
N PRO A 88 -0.21 7.28 12.90
CA PRO A 88 0.83 7.46 11.89
C PRO A 88 0.57 8.66 11.01
N PHE A 89 1.63 9.25 10.47
CA PHE A 89 1.48 10.38 9.56
C PHE A 89 2.04 10.07 8.18
N GLU A 90 1.61 10.87 7.21
CA GLU A 90 1.92 10.66 5.81
C GLU A 90 3.38 10.94 5.48
N ASP A 91 3.84 10.34 4.39
CA ASP A 91 5.20 10.52 3.93
C ASP A 91 5.39 11.93 3.37
N GLU A 92 6.63 12.41 3.41
CA GLU A 92 6.98 13.70 2.85
C GLU A 92 8.29 13.55 2.10
N PHE A 93 8.20 13.72 0.78
CA PHE A 93 9.33 13.56 -0.10
C PHE A 93 9.62 14.90 -0.73
N ASP A 94 10.86 15.07 -1.19
CA ASP A 94 11.31 16.29 -1.83
C ASP A 94 12.53 15.89 -2.63
N ASN A 95 12.63 16.37 -3.87
CA ASN A 95 13.70 15.96 -4.79
C ASN A 95 15.09 16.39 -4.36
N ARG A 96 15.14 17.44 -3.54
CA ARG A 96 16.39 17.96 -3.03
C ARG A 96 16.88 17.14 -1.83
N LEU A 97 16.03 16.23 -1.35
CA LEU A 97 16.35 15.34 -0.24
C LEU A 97 16.44 13.89 -0.69
N VAL A 98 17.69 13.40 -0.79
CA VAL A 98 17.99 12.05 -1.23
C VAL A 98 18.91 11.34 -0.23
N HIS A 99 18.84 10.00 -0.19
CA HIS A 99 19.65 9.20 0.73
C HIS A 99 21.07 9.05 0.20
N GLN A 100 21.75 10.18 0.08
CA GLN A 100 23.10 10.21 -0.46
C GLN A 100 24.10 10.52 0.62
N GLY A 101 25.10 9.65 0.75
CA GLY A 101 26.22 9.88 1.64
C GLY A 101 25.91 9.57 3.09
N ILE A 102 26.89 9.84 3.95
CA ILE A 102 26.79 9.57 5.38
C ILE A 102 25.90 10.60 6.09
N GLY A 103 25.15 10.16 7.09
CA GLY A 103 24.49 11.08 8.01
C GLY A 103 23.11 11.61 7.63
N VAL A 104 22.46 10.98 6.66
CA VAL A 104 21.08 11.33 6.32
C VAL A 104 20.15 10.80 7.42
N LEU A 105 19.27 11.67 7.93
CA LEU A 105 18.29 11.26 8.92
C LEU A 105 16.93 11.06 8.24
N SER A 106 16.42 9.84 8.36
CA SER A 106 15.25 9.42 7.62
C SER A 106 14.31 8.54 8.47
N MET A 107 13.05 8.43 8.04
CA MET A 107 12.03 7.66 8.75
C MET A 107 11.97 6.18 8.34
N ALA A 108 12.02 5.29 9.32
CA ALA A 108 11.66 3.90 9.12
C ALA A 108 10.13 3.77 9.02
N ASN A 109 9.66 2.76 8.29
CA ASN A 109 8.21 2.50 8.19
C ASN A 109 7.92 1.05 7.80
N ASP A 110 6.64 0.78 7.49
CA ASP A 110 6.20 -0.53 7.00
C ASP A 110 5.31 -0.34 5.76
N GLY A 111 5.73 0.57 4.89
CA GLY A 111 4.94 0.95 3.71
C GLY A 111 4.46 2.40 3.77
N LYS A 112 3.68 2.80 2.78
CA LYS A 112 3.12 4.16 2.67
C LYS A 112 2.53 4.66 3.96
N HIS A 113 2.84 5.91 4.28
CA HIS A 113 2.18 6.66 5.37
C HIS A 113 2.01 5.89 6.68
N SER A 114 3.10 5.32 7.17
CA SER A 114 3.11 4.56 8.42
C SER A 114 4.21 5.07 9.35
N ASN A 115 4.42 6.39 9.34
CA ASN A 115 5.45 7.04 10.13
C ASN A 115 5.01 7.24 11.58
N LEU A 116 5.83 6.77 12.50
CA LEU A 116 5.57 6.96 13.91
C LEU A 116 6.76 7.63 14.59
N SER A 117 7.72 6.82 15.05
CA SER A 117 8.89 7.34 15.77
C SER A 117 10.25 6.74 15.39
N GLU A 118 10.25 5.62 14.68
CA GLU A 118 11.51 4.95 14.31
C GLU A 118 12.20 5.63 13.15
N PHE A 119 13.51 5.73 13.25
CA PHE A 119 14.29 6.46 12.27
C PHE A 119 15.60 5.76 12.02
N PHE A 120 16.31 6.18 10.99
CA PHE A 120 17.66 5.70 10.74
C PHE A 120 18.60 6.81 10.32
N ILE A 121 19.89 6.57 10.54
CA ILE A 121 20.91 7.46 10.02
C ILE A 121 21.82 6.66 9.11
N THR A 122 22.04 7.17 7.91
CA THR A 122 22.81 6.44 6.91
C THR A 122 24.30 6.42 7.24
N PHE A 123 24.95 5.30 6.93
CA PHE A 123 26.41 5.23 6.90
C PHE A 123 26.93 5.54 5.49
N LYS A 124 26.12 5.21 4.49
CA LYS A 124 26.43 5.53 3.09
CA LYS A 124 26.45 5.44 3.07
C LYS A 124 25.17 5.60 2.26
N SER A 125 25.31 6.00 0.99
CA SER A 125 24.19 6.11 0.08
C SER A 125 23.34 4.86 0.04
N CYS A 126 22.04 5.07 -0.06
CA CYS A 126 21.04 4.01 -0.18
C CYS A 126 19.82 4.63 -0.86
N GLU A 127 20.04 5.12 -2.08
CA GLU A 127 19.04 5.89 -2.80
C GLU A 127 17.87 5.08 -3.37
N HIS A 128 17.94 3.75 -3.25
CA HIS A 128 16.77 2.90 -3.52
C HIS A 128 15.65 3.19 -2.50
N LEU A 129 16.00 3.91 -1.42
CA LEU A 129 15.03 4.32 -0.39
C LEU A 129 14.35 5.66 -0.68
N ASN A 130 14.86 6.40 -1.67
CA ASN A 130 14.24 7.65 -2.08
C ASN A 130 12.76 7.45 -2.42
N ASN A 131 11.92 8.38 -1.98
CA ASN A 131 10.48 8.32 -2.19
C ASN A 131 9.80 7.09 -1.56
N LYS A 132 10.49 6.47 -0.60
CA LYS A 132 9.90 5.42 0.22
C LYS A 132 9.99 5.80 1.69
N HIS A 133 10.96 6.65 2.03
CA HIS A 133 11.22 7.06 3.39
C HIS A 133 11.36 8.60 3.51
N THR A 134 10.63 9.19 4.45
CA THR A 134 10.73 10.61 4.72
C THR A 134 12.10 10.93 5.30
N ILE A 135 12.91 11.63 4.52
CA ILE A 135 14.15 12.22 4.98
C ILE A 135 13.75 13.50 5.67
N PHE A 136 14.14 13.66 6.93
CA PHE A 136 13.73 14.85 7.67
C PHE A 136 14.89 15.54 8.37
N GLY A 137 16.10 15.05 8.15
CA GLY A 137 17.26 15.72 8.69
C GLY A 137 18.61 15.23 8.21
N ARG A 138 19.66 15.78 8.80
CA ARG A 138 21.02 15.34 8.57
C ARG A 138 21.90 15.61 9.79
N VAL A 139 22.88 14.74 9.99
CA VAL A 139 23.90 14.92 11.03
C VAL A 139 24.89 15.97 10.55
N VAL A 140 24.95 17.10 11.24
CA VAL A 140 25.85 18.21 10.91
C VAL A 140 27.09 18.23 11.82
N GLY A 141 27.11 17.33 12.79
CA GLY A 141 28.26 17.16 13.67
C GLY A 141 28.18 15.85 14.42
N GLY A 142 29.29 15.11 14.40
CA GLY A 142 29.37 13.80 15.05
C GLY A 142 29.49 12.66 14.04
N LEU A 143 29.98 12.96 12.84
CA LEU A 143 30.10 11.95 11.78
C LEU A 143 31.05 10.85 12.18
N ASP A 144 32.02 11.18 13.05
CA ASP A 144 33.00 10.21 13.52
C ASP A 144 32.48 9.28 14.63
N VAL A 145 31.47 9.75 15.37
CA VAL A 145 30.71 8.89 16.29
C VAL A 145 29.96 7.84 15.47
N LEU A 146 29.36 8.30 14.36
CA LEU A 146 28.62 7.46 13.43
C LEU A 146 29.54 6.39 12.85
N ARG A 147 30.76 6.80 12.45
CA ARG A 147 31.76 5.89 11.90
C ARG A 147 32.20 4.81 12.90
N GLN A 148 32.16 5.11 14.19
CA GLN A 148 32.44 4.12 15.24
C GLN A 148 31.26 3.17 15.44
N TRP A 149 30.04 3.71 15.33
CA TRP A 149 28.84 2.88 15.40
C TRP A 149 28.80 1.85 14.27
N GLU A 150 29.31 2.24 13.11
CA GLU A 150 29.34 1.39 11.93
C GLU A 150 30.18 0.11 12.17
N LYS A 151 31.10 0.20 13.12
CA LYS A 151 32.07 -0.88 13.43
C LYS A 151 31.58 -1.79 14.54
N LEU A 152 30.47 -1.41 15.18
CA LEU A 152 29.90 -2.20 16.26
C LEU A 152 29.59 -3.63 15.85
N GLU A 153 29.97 -4.57 16.71
CA GLU A 153 29.64 -5.96 16.52
C GLU A 153 28.16 -6.15 16.81
N THR A 154 27.51 -6.95 15.97
CA THR A 154 26.07 -7.16 16.05
C THR A 154 25.76 -8.66 16.01
N ASP A 155 24.61 -9.04 16.56
CA ASP A 155 24.17 -10.44 16.57
C ASP A 155 23.67 -10.90 15.19
N LYS A 156 22.89 -11.99 15.17
CA LYS A 156 22.37 -12.57 13.94
C LYS A 156 21.23 -11.73 13.35
N LYS A 157 20.58 -10.96 14.21
CA LYS A 157 19.45 -10.11 13.82
C LYS A 157 19.90 -8.65 13.58
N ASP A 158 21.23 -8.44 13.59
CA ASP A 158 21.87 -7.15 13.36
C ASP A 158 21.74 -6.16 14.51
N LYS A 159 21.31 -6.64 15.67
CA LYS A 159 21.34 -5.83 16.88
C LYS A 159 22.76 -5.78 17.41
N PRO A 160 23.32 -4.57 17.62
CA PRO A 160 24.62 -4.47 18.29
C PRO A 160 24.62 -5.22 19.62
N LEU A 161 25.76 -5.82 19.96
CA LEU A 161 25.89 -6.51 21.25
C LEU A 161 25.82 -5.49 22.39
N LYS A 162 26.43 -4.32 22.15
CA LYS A 162 26.32 -3.15 23.02
C LYS A 162 25.64 -2.00 22.26
N PRO A 163 24.29 -1.97 22.24
CA PRO A 163 23.60 -0.89 21.51
C PRO A 163 23.81 0.46 22.18
N PRO A 164 24.17 1.50 21.39
CA PRO A 164 24.17 2.86 21.94
C PRO A 164 22.77 3.20 22.43
N LYS A 165 22.70 3.75 23.63
CA LYS A 165 21.42 4.12 24.25
C LYS A 165 21.34 5.63 24.42
N VAL A 166 20.20 6.20 24.05
CA VAL A 166 19.96 7.64 24.15
C VAL A 166 19.83 8.03 25.62
N GLU A 167 20.73 8.90 26.08
CA GLU A 167 20.67 9.47 27.41
C GLU A 167 19.69 10.64 27.44
N GLU A 168 19.76 11.47 26.41
CA GLU A 168 18.86 12.62 26.29
C GLU A 168 18.97 13.23 24.92
N ILE A 169 17.98 14.04 24.58
CA ILE A 169 18.02 14.86 23.38
C ILE A 169 17.87 16.32 23.78
N ILE A 170 18.86 17.13 23.40
CA ILE A 170 18.83 18.55 23.68
C ILE A 170 18.35 19.26 22.41
N VAL A 171 17.22 19.96 22.52
CA VAL A 171 16.71 20.74 21.41
C VAL A 171 17.17 22.20 21.56
N PHE A 172 17.90 22.68 20.56
CA PHE A 172 18.43 24.04 20.55
C PHE A 172 17.54 25.00 19.78
N LYS A 173 16.68 24.44 18.92
CA LYS A 173 15.75 25.26 18.14
C LYS A 173 14.60 24.42 17.57
N ASN A 174 13.40 24.76 17.97
CA ASN A 174 12.21 24.16 17.41
C ASN A 174 11.41 25.26 16.76
N PRO A 175 11.32 25.24 15.42
CA PRO A 175 10.62 26.30 14.70
C PRO A 175 9.08 26.22 14.73
N PHE A 176 8.51 25.22 15.40
CA PHE A 176 7.05 25.09 15.50
C PHE A 176 6.53 25.54 16.86
N LYS B 5 -16.71 16.27 12.14
CA LYS B 5 -17.88 16.87 11.41
C LYS B 5 -18.64 15.87 10.55
N LYS B 6 -19.96 16.04 10.53
CA LYS B 6 -20.82 15.26 9.69
C LYS B 6 -21.54 16.20 8.72
N GLY B 7 -21.89 15.67 7.55
CA GLY B 7 -22.88 16.30 6.67
C GLY B 7 -24.25 15.72 6.99
N TYR B 8 -25.31 16.46 6.65
CA TYR B 8 -26.70 15.99 6.80
C TYR B 8 -27.52 16.32 5.58
N LEU B 9 -28.26 15.33 5.11
CA LEU B 9 -29.09 15.54 3.95
C LEU B 9 -30.30 14.63 3.99
N ARG B 10 -31.28 14.97 3.17
CA ARG B 10 -32.53 14.26 3.12
C ARG B 10 -32.81 13.87 1.66
N ILE B 11 -32.91 12.57 1.43
CA ILE B 11 -33.30 12.03 0.12
C ILE B 11 -34.82 11.90 0.15
N VAL B 12 -35.49 12.64 -0.75
CA VAL B 12 -36.94 12.58 -0.86
C VAL B 12 -37.30 11.77 -2.09
N THR B 13 -37.98 10.64 -1.88
CA THR B 13 -38.39 9.78 -2.99
C THR B 13 -39.90 9.68 -3.14
N THR B 14 -40.34 9.08 -4.25
CA THR B 14 -41.74 8.77 -4.51
C THR B 14 -42.35 7.81 -3.47
N GLN B 15 -41.50 7.18 -2.65
CA GLN B 15 -41.94 6.23 -1.64
C GLN B 15 -41.28 6.49 -0.30
N GLY B 16 -41.28 7.75 0.12
CA GLY B 16 -40.77 8.13 1.43
C GLY B 16 -39.41 8.79 1.41
N SER B 17 -39.06 9.41 2.54
CA SER B 17 -37.80 10.13 2.66
C SER B 17 -36.86 9.49 3.69
N LEU B 18 -35.56 9.75 3.53
CA LEU B 18 -34.55 9.25 4.46
C LEU B 18 -33.61 10.38 4.87
N ASN B 19 -33.35 10.46 6.18
CA ASN B 19 -32.33 11.35 6.70
C ASN B 19 -31.01 10.62 6.72
N ILE B 20 -30.01 11.23 6.11
CA ILE B 20 -28.66 10.65 6.00
C ILE B 20 -27.66 11.46 6.80
N GLU B 21 -26.84 10.78 7.59
CA GLU B 21 -25.64 11.37 8.17
C GLU B 21 -24.42 10.94 7.35
N LEU B 22 -23.65 11.90 6.86
CA LEU B 22 -22.47 11.62 6.04
C LEU B 22 -21.20 11.69 6.88
N HIS B 23 -20.45 10.59 6.92
CA HIS B 23 -19.17 10.54 7.63
C HIS B 23 -18.11 11.35 6.87
N ALA B 24 -18.26 12.67 6.88
CA ALA B 24 -17.32 13.57 6.22
C ALA B 24 -15.94 13.54 6.88
N ASP B 25 -15.93 13.16 8.15
CA ASP B 25 -14.71 12.99 8.93
C ASP B 25 -13.91 11.77 8.52
N MET B 26 -14.60 10.71 8.10
CA MET B 26 -13.96 9.42 7.84
C MET B 26 -13.87 9.01 6.36
N ALA B 27 -14.81 9.49 5.56
CA ALA B 27 -14.85 9.21 4.13
C ALA B 27 -15.08 10.53 3.36
N PRO B 28 -14.15 11.49 3.54
CA PRO B 28 -14.35 12.86 3.04
C PRO B 28 -14.58 12.95 1.54
N ARG B 29 -13.82 12.20 0.76
CA ARG B 29 -13.91 12.25 -0.71
C ARG B 29 -15.22 11.69 -1.26
N ALA B 30 -15.69 10.57 -0.70
CA ALA B 30 -16.99 10.03 -1.05
C ALA B 30 -18.11 11.03 -0.74
N CYS B 31 -18.04 11.67 0.43
CA CYS B 31 -19.03 12.67 0.87
C CYS B 31 -19.02 13.92 0.00
N ASP B 32 -17.81 14.46 -0.24
CA ASP B 32 -17.58 15.62 -1.10
C ASP B 32 -18.14 15.38 -2.51
N SER B 33 -17.72 14.28 -3.13
CA SER B 33 -18.29 13.84 -4.39
C SER B 33 -19.83 13.80 -4.36
N PHE B 34 -20.39 13.11 -3.37
CA PHE B 34 -21.85 12.98 -3.26
C PHE B 34 -22.51 14.34 -3.17
N LEU B 35 -21.97 15.21 -2.30
CA LEU B 35 -22.44 16.58 -2.15
C LEU B 35 -22.33 17.44 -3.41
N ARG B 36 -21.23 17.31 -4.14
CA ARG B 36 -21.06 18.05 -5.39
C ARG B 36 -22.09 17.65 -6.43
N LEU B 37 -22.46 16.37 -6.44
CA LEU B 37 -23.46 15.84 -7.35
C LEU B 37 -24.86 16.28 -6.98
N CYS B 38 -25.12 16.39 -5.68
CA CYS B 38 -26.38 16.93 -5.17
C CYS B 38 -26.55 18.40 -5.56
N ALA B 39 -25.45 19.15 -5.53
CA ALA B 39 -25.43 20.57 -5.87
C ALA B 39 -25.93 20.86 -7.29
N VAL B 40 -25.80 19.88 -8.17
CA VAL B 40 -26.22 20.01 -9.56
C VAL B 40 -27.46 19.15 -9.86
N LYS B 41 -28.11 18.65 -8.81
CA LYS B 41 -29.36 17.91 -8.94
C LYS B 41 -29.24 16.57 -9.69
N TYR B 42 -28.00 16.07 -9.74
CA TYR B 42 -27.64 14.84 -10.45
C TYR B 42 -28.49 13.62 -10.11
N PHE B 43 -28.93 13.50 -8.85
CA PHE B 43 -29.69 12.34 -8.41
C PHE B 43 -31.19 12.45 -8.63
N ASP B 44 -31.68 13.65 -8.94
CA ASP B 44 -33.09 13.83 -9.24
C ASP B 44 -33.50 12.87 -10.36
N ASP B 45 -34.60 12.14 -10.14
CA ASP B 45 -35.15 11.15 -11.09
C ASP B 45 -34.34 9.86 -11.26
N THR B 46 -33.28 9.67 -10.47
CA THR B 46 -32.63 8.38 -10.41
C THR B 46 -33.49 7.46 -9.56
N ILE B 47 -33.37 6.17 -9.82
CA ILE B 47 -34.19 5.17 -9.16
C ILE B 47 -33.35 4.23 -8.32
N PHE B 48 -34.03 3.44 -7.50
CA PHE B 48 -33.42 2.33 -6.80
C PHE B 48 -33.74 1.09 -7.61
N HIS B 49 -32.76 0.66 -8.40
CA HIS B 49 -32.96 -0.30 -9.48
C HIS B 49 -32.63 -1.72 -9.08
N ARG B 50 -31.98 -1.89 -7.92
CA ARG B 50 -31.64 -3.22 -7.44
C ARG B 50 -31.90 -3.30 -5.94
N CYS B 51 -32.76 -4.26 -5.56
CA CYS B 51 -33.33 -4.35 -4.22
C CYS B 51 -33.47 -5.81 -3.81
N ILE B 52 -32.73 -6.21 -2.78
CA ILE B 52 -32.63 -7.61 -2.35
C ILE B 52 -32.93 -7.70 -0.86
N ARG B 53 -34.03 -8.37 -0.53
CA ARG B 53 -34.42 -8.55 0.86
C ARG B 53 -33.27 -9.18 1.63
N ASN B 54 -33.10 -8.73 2.88
CA ASN B 54 -32.04 -9.19 3.79
C ASN B 54 -30.64 -8.80 3.36
N PHE B 55 -30.50 -7.86 2.44
CA PHE B 55 -29.20 -7.46 1.91
C PHE B 55 -29.08 -5.93 1.79
N MET B 56 -29.48 -5.37 0.66
CA MET B 56 -29.37 -3.94 0.43
C MET B 56 -30.31 -3.49 -0.67
N ILE B 57 -30.52 -2.17 -0.75
CA ILE B 57 -31.12 -1.53 -1.92
C ILE B 57 -30.06 -0.60 -2.56
N GLN B 58 -30.03 -0.55 -3.89
CA GLN B 58 -28.97 0.10 -4.64
C GLN B 58 -29.51 1.20 -5.56
N GLY B 59 -28.85 2.35 -5.60
CA GLY B 59 -29.27 3.47 -6.46
C GLY B 59 -28.11 4.26 -7.01
N GLY B 60 -28.43 5.44 -7.55
CA GLY B 60 -27.42 6.41 -8.03
C GLY B 60 -26.89 6.21 -9.44
N ARG B 61 -27.52 5.34 -10.21
CA ARG B 61 -27.08 5.08 -11.59
C ARG B 61 -27.69 6.10 -12.56
N ALA B 62 -26.83 6.97 -13.10
CA ALA B 62 -27.25 7.99 -14.07
C ALA B 62 -27.93 7.41 -15.30
N GLU B 63 -27.41 6.27 -15.76
CA GLU B 63 -27.93 5.59 -16.95
C GLU B 63 -29.37 5.14 -16.82
N LEU B 64 -29.87 5.03 -15.58
CA LEU B 64 -31.23 4.55 -15.35
C LEU B 64 -32.19 5.65 -14.89
N ARG B 65 -31.71 6.89 -14.96
CA ARG B 65 -32.52 8.06 -14.59
C ARG B 65 -33.79 8.16 -15.45
N GLN B 66 -34.94 8.31 -14.78
CA GLN B 66 -36.23 8.38 -15.46
C GLN B 66 -36.81 9.79 -15.52
N PRO B 67 -36.64 10.51 -16.64
CA PRO B 67 -37.29 11.82 -16.80
C PRO B 67 -38.81 11.72 -16.71
N GLN B 74 -29.57 20.40 -16.72
CA GLN B 74 -29.02 19.32 -17.54
C GLN B 74 -28.16 18.35 -16.74
N GLN B 75 -28.34 17.06 -16.99
CA GLN B 75 -27.75 16.00 -16.19
C GLN B 75 -26.84 15.12 -17.04
N SER B 76 -25.72 14.67 -16.48
CA SER B 76 -24.85 13.71 -17.17
C SER B 76 -25.59 12.37 -17.32
N PRO B 77 -25.58 11.79 -18.54
CA PRO B 77 -26.28 10.52 -18.81
C PRO B 77 -25.45 9.30 -18.43
N ARG B 78 -24.15 9.50 -18.28
CA ARG B 78 -23.21 8.50 -17.78
C ARG B 78 -22.98 8.75 -16.30
N SER B 79 -22.67 7.69 -15.55
CA SER B 79 -22.34 7.81 -14.15
C SER B 79 -20.97 8.46 -13.97
N ILE B 80 -20.91 9.43 -13.07
CA ILE B 80 -19.70 10.19 -12.79
C ILE B 80 -19.57 10.46 -11.28
N SER B 81 -18.35 10.74 -10.83
CA SER B 81 -18.13 11.31 -9.51
C SER B 81 -18.48 12.79 -9.56
N GLY B 82 -18.45 13.45 -8.40
CA GLY B 82 -18.77 14.87 -8.33
C GLY B 82 -17.62 15.81 -8.62
N PHE B 83 -16.40 15.26 -8.75
CA PHE B 83 -15.18 16.05 -8.93
C PHE B 83 -15.05 16.51 -10.38
N PRO B 84 -14.27 17.59 -10.63
CA PRO B 84 -14.15 18.09 -12.01
C PRO B 84 -13.55 17.03 -12.93
N GLY B 85 -14.22 16.75 -14.04
CA GLY B 85 -13.82 15.68 -14.94
C GLY B 85 -14.61 14.39 -14.71
N GLY B 86 -15.18 14.25 -13.52
CA GLY B 86 -16.07 13.13 -13.17
C GLY B 86 -15.42 11.76 -13.01
N ALA B 87 -14.10 11.74 -12.90
CA ALA B 87 -13.33 10.49 -12.84
C ALA B 87 -13.51 9.74 -11.52
N PRO B 88 -13.33 8.41 -11.54
CA PRO B 88 -13.45 7.62 -10.31
C PRO B 88 -12.48 8.05 -9.23
N PHE B 89 -12.89 7.92 -7.97
CA PHE B 89 -12.04 8.26 -6.87
C PHE B 89 -11.74 7.04 -6.02
N GLU B 90 -10.73 7.17 -5.18
CA GLU B 90 -10.20 6.06 -4.40
C GLU B 90 -11.11 5.67 -3.24
N ASP B 91 -11.00 4.40 -2.87
CA ASP B 91 -11.71 3.85 -1.74
C ASP B 91 -11.19 4.46 -0.45
N GLU B 92 -12.06 4.57 0.53
CA GLU B 92 -11.70 5.11 1.83
C GLU B 92 -12.29 4.19 2.87
N PHE B 93 -11.41 3.49 3.59
CA PHE B 93 -11.85 2.57 4.63
C PHE B 93 -11.47 3.07 6.03
N ASP B 94 -12.26 2.66 7.01
CA ASP B 94 -12.01 2.99 8.40
C ASP B 94 -12.61 1.84 9.19
N ASN B 95 -11.84 1.33 10.14
CA ASN B 95 -12.24 0.11 10.83
C ASN B 95 -13.36 0.33 11.84
N ARG B 96 -13.70 1.62 12.04
CA ARG B 96 -14.87 2.01 12.83
C ARG B 96 -16.14 1.95 11.99
N LEU B 97 -15.97 1.88 10.67
CA LEU B 97 -17.09 1.86 9.75
C LEU B 97 -17.22 0.49 9.11
N VAL B 98 -18.30 -0.22 9.47
CA VAL B 98 -18.57 -1.58 8.99
C VAL B 98 -20.01 -1.74 8.47
N HIS B 99 -20.24 -2.73 7.60
CA HIS B 99 -21.57 -3.00 7.04
C HIS B 99 -22.42 -3.82 8.01
N GLN B 100 -22.64 -3.26 9.19
CA GLN B 100 -23.37 -3.96 10.24
C GLN B 100 -24.75 -3.33 10.44
N GLY B 101 -25.77 -4.18 10.46
CA GLY B 101 -27.13 -3.72 10.69
C GLY B 101 -27.74 -2.98 9.52
N ILE B 102 -28.89 -2.37 9.78
CA ILE B 102 -29.65 -1.64 8.77
C ILE B 102 -29.19 -0.19 8.66
N GLY B 103 -29.27 0.38 7.46
CA GLY B 103 -29.06 1.81 7.27
C GLY B 103 -27.63 2.25 6.99
N VAL B 104 -26.71 1.32 6.77
CA VAL B 104 -25.36 1.70 6.35
C VAL B 104 -25.37 2.17 4.89
N LEU B 105 -24.89 3.39 4.67
CA LEU B 105 -24.76 3.93 3.31
C LEU B 105 -23.34 3.72 2.81
N SER B 106 -23.22 3.02 1.69
CA SER B 106 -21.92 2.63 1.17
C SER B 106 -21.85 2.75 -0.35
N MET B 107 -20.64 2.82 -0.90
CA MET B 107 -20.44 2.98 -2.34
C MET B 107 -20.47 1.65 -3.11
N ALA B 108 -21.19 1.63 -4.23
CA ALA B 108 -21.12 0.51 -5.16
C ALA B 108 -19.93 0.76 -6.10
N ASN B 109 -19.30 -0.31 -6.60
CA ASN B 109 -18.11 -0.16 -7.47
C ASN B 109 -17.89 -1.33 -8.43
N ASP B 110 -16.83 -1.27 -9.23
CA ASP B 110 -16.48 -2.35 -10.16
C ASP B 110 -15.03 -2.80 -9.95
N GLY B 111 -14.62 -2.88 -8.69
CA GLY B 111 -13.22 -3.08 -8.33
C GLY B 111 -12.68 -1.91 -7.52
N LYS B 112 -11.43 -2.01 -7.08
CA LYS B 112 -10.78 -0.96 -6.29
C LYS B 112 -10.74 0.39 -7.01
N HIS B 113 -10.83 1.45 -6.21
CA HIS B 113 -10.71 2.84 -6.67
C HIS B 113 -11.50 3.14 -7.95
N SER B 114 -12.74 2.67 -7.99
CA SER B 114 -13.63 2.93 -9.13
C SER B 114 -14.95 3.56 -8.72
N ASN B 115 -14.92 4.34 -7.65
CA ASN B 115 -16.11 5.03 -7.13
C ASN B 115 -16.58 6.15 -8.05
N LEU B 116 -17.85 6.08 -8.46
CA LEU B 116 -18.47 7.17 -9.20
C LEU B 116 -19.66 7.75 -8.43
N SER B 117 -20.87 7.22 -8.64
CA SER B 117 -22.08 7.79 -8.04
C SER B 117 -23.04 6.78 -7.44
N GLU B 118 -22.90 5.51 -7.84
CA GLU B 118 -23.81 4.48 -7.37
C GLU B 118 -23.50 4.06 -5.94
N PHE B 119 -24.55 3.99 -5.14
CA PHE B 119 -24.44 3.72 -3.70
C PHE B 119 -25.47 2.68 -3.33
N PHE B 120 -25.32 2.11 -2.13
CA PHE B 120 -26.31 1.21 -1.58
C PHE B 120 -26.55 1.45 -0.11
N ILE B 121 -27.75 1.08 0.32
CA ILE B 121 -28.16 1.18 1.70
C ILE B 121 -28.54 -0.21 2.18
N THR B 122 -27.91 -0.65 3.26
CA THR B 122 -28.09 -2.00 3.77
C THR B 122 -29.42 -2.15 4.49
N PHE B 123 -29.99 -3.36 4.42
CA PHE B 123 -31.13 -3.79 5.20
C PHE B 123 -30.64 -4.66 6.35
N LYS B 124 -29.46 -5.24 6.17
CA LYS B 124 -28.94 -6.24 7.10
C LYS B 124 -27.43 -6.28 6.96
N SER B 125 -26.77 -6.85 7.96
CA SER B 125 -25.31 -6.94 7.93
C SER B 125 -24.83 -7.69 6.70
N CYS B 126 -23.76 -7.19 6.10
CA CYS B 126 -23.13 -7.79 4.93
C CYS B 126 -21.64 -7.50 5.00
N GLU B 127 -21.03 -7.96 6.09
CA GLU B 127 -19.67 -7.56 6.42
C GLU B 127 -18.57 -8.17 5.55
N HIS B 128 -18.95 -9.07 4.64
CA HIS B 128 -18.02 -9.56 3.63
C HIS B 128 -17.66 -8.41 2.66
N LEU B 129 -18.41 -7.31 2.76
CA LEU B 129 -18.15 -6.11 1.96
C LEU B 129 -17.21 -5.13 2.64
N ASN B 130 -16.88 -5.39 3.91
CA ASN B 130 -15.91 -4.55 4.63
C ASN B 130 -14.60 -4.46 3.88
N ASN B 131 -14.11 -3.24 3.72
CA ASN B 131 -12.82 -2.98 3.07
C ASN B 131 -12.80 -3.33 1.59
N LYS B 132 -14.00 -3.40 1.00
CA LYS B 132 -14.18 -3.49 -0.45
C LYS B 132 -15.02 -2.31 -0.95
N HIS B 133 -15.82 -1.73 -0.05
CA HIS B 133 -16.76 -0.65 -0.38
C HIS B 133 -16.65 0.48 0.62
N THR B 134 -16.61 1.73 0.11
CA THR B 134 -16.54 2.89 0.99
C THR B 134 -17.88 3.13 1.66
N ILE B 135 -17.87 3.02 2.99
CA ILE B 135 -18.97 3.45 3.82
C ILE B 135 -18.79 4.95 4.08
N PHE B 136 -19.77 5.75 3.68
CA PHE B 136 -19.71 7.21 3.87
C PHE B 136 -20.94 7.83 4.54
N GLY B 137 -21.87 6.99 4.99
CA GLY B 137 -23.02 7.50 5.72
C GLY B 137 -23.83 6.44 6.46
N ARG B 138 -24.89 6.90 7.11
CA ARG B 138 -25.89 6.00 7.72
C ARG B 138 -27.22 6.71 7.77
N VAL B 139 -28.29 5.93 7.83
CA VAL B 139 -29.63 6.48 7.95
C VAL B 139 -29.92 6.86 9.40
N VAL B 140 -30.14 8.15 9.63
CA VAL B 140 -30.50 8.66 10.97
C VAL B 140 -32.00 8.99 11.13
N GLY B 141 -32.78 8.69 10.07
CA GLY B 141 -34.22 8.88 10.04
C GLY B 141 -34.82 8.20 8.81
N GLY B 142 -35.96 7.53 8.99
CA GLY B 142 -36.63 6.83 7.90
C GLY B 142 -36.25 5.37 7.80
N LEU B 143 -35.84 4.77 8.92
CA LEU B 143 -35.55 3.33 8.98
C LEU B 143 -36.77 2.48 8.61
N ASP B 144 -37.96 2.97 8.93
CA ASP B 144 -39.19 2.25 8.60
CA ASP B 144 -39.23 2.29 8.61
C ASP B 144 -39.58 2.39 7.12
N VAL B 145 -39.10 3.44 6.47
CA VAL B 145 -39.24 3.59 5.01
C VAL B 145 -38.40 2.50 4.32
N LEU B 146 -37.17 2.35 4.81
CA LEU B 146 -36.22 1.37 4.34
C LEU B 146 -36.79 -0.02 4.48
N ARG B 147 -37.45 -0.29 5.61
CA ARG B 147 -38.06 -1.58 5.87
C ARG B 147 -39.23 -1.82 4.93
N GLN B 148 -39.94 -0.75 4.55
CA GLN B 148 -40.98 -0.85 3.52
C GLN B 148 -40.39 -1.25 2.16
N TRP B 149 -39.31 -0.57 1.77
CA TRP B 149 -38.62 -0.87 0.51
C TRP B 149 -38.12 -2.30 0.44
N GLU B 150 -37.67 -2.83 1.58
CA GLU B 150 -37.22 -4.23 1.65
C GLU B 150 -38.32 -5.22 1.22
N LYS B 151 -39.57 -4.81 1.32
CA LYS B 151 -40.74 -5.66 1.03
C LYS B 151 -41.28 -5.47 -0.39
N LEU B 152 -40.64 -4.59 -1.16
CA LEU B 152 -40.98 -4.33 -2.55
C LEU B 152 -40.91 -5.59 -3.41
N GLU B 153 -41.95 -5.82 -4.20
CA GLU B 153 -41.94 -6.91 -5.18
C GLU B 153 -40.94 -6.57 -6.27
N THR B 154 -40.07 -7.53 -6.58
CA THR B 154 -39.03 -7.33 -7.57
C THR B 154 -39.16 -8.33 -8.73
N ASP B 155 -38.48 -8.04 -9.83
CA ASP B 155 -38.41 -8.97 -10.95
C ASP B 155 -37.21 -9.91 -10.74
N LYS B 156 -36.84 -10.66 -11.77
CA LYS B 156 -35.75 -11.64 -11.66
C LYS B 156 -34.37 -11.02 -11.72
N LYS B 157 -34.30 -9.75 -12.09
CA LYS B 157 -33.06 -8.98 -12.06
C LYS B 157 -32.97 -8.17 -10.75
N ASP B 158 -33.82 -8.53 -9.78
CA ASP B 158 -33.94 -7.86 -8.47
C ASP B 158 -34.31 -6.39 -8.56
N LYS B 159 -34.87 -5.98 -9.70
CA LYS B 159 -35.37 -4.62 -9.85
C LYS B 159 -36.80 -4.56 -9.33
N PRO B 160 -37.09 -3.60 -8.44
CA PRO B 160 -38.48 -3.40 -8.01
C PRO B 160 -39.41 -3.16 -9.20
N LEU B 161 -40.63 -3.67 -9.11
CA LEU B 161 -41.64 -3.41 -10.14
C LEU B 161 -42.02 -1.93 -10.14
N LYS B 162 -42.10 -1.34 -8.94
CA LYS B 162 -42.25 0.08 -8.73
C LYS B 162 -41.03 0.63 -7.98
N PRO B 163 -39.95 0.98 -8.71
CA PRO B 163 -38.75 1.49 -8.04
C PRO B 163 -38.98 2.85 -7.42
N PRO B 164 -38.55 3.06 -6.15
CA PRO B 164 -38.56 4.41 -5.61
C PRO B 164 -37.68 5.33 -6.45
N LYS B 165 -38.22 6.49 -6.78
CA LYS B 165 -37.51 7.47 -7.59
C LYS B 165 -37.18 8.72 -6.76
N VAL B 166 -35.95 9.20 -6.89
CA VAL B 166 -35.51 10.40 -6.19
C VAL B 166 -36.19 11.63 -6.78
N GLU B 167 -36.99 12.31 -5.97
CA GLU B 167 -37.61 13.56 -6.37
C GLU B 167 -36.60 14.69 -6.14
N GLU B 168 -36.05 14.75 -4.94
CA GLU B 168 -35.03 15.73 -4.61
C GLU B 168 -34.14 15.23 -3.49
N ILE B 169 -32.98 15.87 -3.36
CA ILE B 169 -32.14 15.71 -2.19
C ILE B 169 -31.88 17.09 -1.60
N ILE B 170 -32.28 17.27 -0.34
CA ILE B 170 -32.12 18.53 0.37
C ILE B 170 -30.92 18.39 1.30
N VAL B 171 -29.90 19.20 1.05
CA VAL B 171 -28.69 19.24 1.86
C VAL B 171 -28.86 20.28 2.96
N PHE B 172 -28.62 19.87 4.21
CA PHE B 172 -28.70 20.76 5.36
C PHE B 172 -27.57 21.78 5.28
N LYS B 173 -26.33 21.31 5.44
CA LYS B 173 -25.16 22.15 5.23
C LYS B 173 -24.06 21.32 4.59
N ASN B 174 -23.27 21.95 3.73
CA ASN B 174 -22.10 21.30 3.19
C ASN B 174 -20.94 21.53 4.16
N PRO B 175 -20.43 20.45 4.78
CA PRO B 175 -19.37 20.56 5.78
C PRO B 175 -18.00 20.98 5.24
N PHE B 176 -17.84 21.00 3.92
CA PHE B 176 -16.56 21.34 3.31
C PHE B 176 -16.45 22.82 2.97
N GLU B 177 -17.51 23.58 3.25
CA GLU B 177 -17.62 24.97 2.80
C GLU B 177 -17.88 25.94 3.94
N LYS C 5 13.89 -14.36 -16.65
CA LYS C 5 13.95 -14.05 -18.11
C LYS C 5 14.24 -12.56 -18.39
N LYS C 6 15.03 -12.30 -19.43
CA LYS C 6 15.18 -10.95 -19.96
C LYS C 6 14.60 -10.93 -21.36
N GLY C 7 14.07 -9.78 -21.76
CA GLY C 7 13.71 -9.54 -23.16
C GLY C 7 14.87 -8.84 -23.84
N TYR C 8 14.95 -8.95 -25.16
CA TYR C 8 15.96 -8.23 -25.94
C TYR C 8 15.33 -7.63 -27.18
N LEU C 9 15.68 -6.37 -27.47
CA LEU C 9 15.18 -5.67 -28.64
C LEU C 9 16.15 -4.60 -29.08
N ARG C 10 16.02 -4.21 -30.34
CA ARG C 10 16.87 -3.21 -30.93
C ARG C 10 16.00 -2.07 -31.48
N ILE C 11 16.19 -0.87 -30.93
CA ILE C 11 15.53 0.34 -31.41
C ILE C 11 16.38 0.97 -32.52
N VAL C 12 15.85 0.95 -33.75
CA VAL C 12 16.55 1.50 -34.90
C VAL C 12 16.00 2.89 -35.25
N THR C 13 16.83 3.92 -35.08
CA THR C 13 16.41 5.30 -35.37
C THR C 13 17.19 5.96 -36.53
N THR C 14 16.73 7.14 -36.92
CA THR C 14 17.37 7.94 -37.98
C THR C 14 18.80 8.34 -37.60
N GLN C 15 19.14 8.22 -36.32
CA GLN C 15 20.42 8.69 -35.81
C GLN C 15 21.11 7.66 -34.92
N GLY C 16 21.07 6.40 -35.36
CA GLY C 16 21.72 5.31 -34.62
C GLY C 16 20.76 4.35 -33.96
N SER C 17 21.31 3.23 -33.50
CA SER C 17 20.52 2.17 -32.88
C SER C 17 20.94 1.89 -31.44
N LEU C 18 20.03 1.28 -30.68
CA LEU C 18 20.30 0.90 -29.31
C LEU C 18 19.88 -0.54 -29.08
N ASN C 19 20.75 -1.29 -28.40
CA ASN C 19 20.34 -2.59 -27.89
C ASN C 19 19.83 -2.46 -26.47
N ILE C 20 18.63 -2.99 -26.23
CA ILE C 20 17.95 -2.86 -24.95
C ILE C 20 17.76 -4.23 -24.33
N GLU C 21 18.10 -4.35 -23.06
CA GLU C 21 17.71 -5.48 -22.24
C GLU C 21 16.47 -5.06 -21.43
N LEU C 22 15.39 -5.81 -21.54
CA LEU C 22 14.18 -5.58 -20.74
C LEU C 22 14.19 -6.41 -19.46
N HIS C 23 13.93 -5.78 -18.33
CA HIS C 23 13.93 -6.49 -17.05
C HIS C 23 12.60 -7.20 -16.84
N ALA C 24 12.29 -8.10 -17.77
CA ALA C 24 11.05 -8.86 -17.80
C ALA C 24 10.79 -9.59 -16.49
N ASP C 25 11.87 -9.88 -15.76
CA ASP C 25 11.83 -10.54 -14.44
C ASP C 25 11.34 -9.64 -13.29
N MET C 26 11.62 -8.34 -13.37
CA MET C 26 11.38 -7.42 -12.25
C MET C 26 10.28 -6.38 -12.53
N ALA C 27 10.06 -6.11 -13.81
CA ALA C 27 8.97 -5.24 -14.24
C ALA C 27 8.19 -5.87 -15.40
N PRO C 28 7.52 -7.00 -15.14
CA PRO C 28 6.82 -7.78 -16.17
C PRO C 28 5.74 -6.99 -16.94
N ARG C 29 4.90 -6.24 -16.23
CA ARG C 29 3.83 -5.48 -16.89
C ARG C 29 4.32 -4.41 -17.87
N ALA C 30 5.31 -3.62 -17.45
CA ALA C 30 5.92 -2.59 -18.32
C ALA C 30 6.54 -3.19 -19.57
N CYS C 31 7.24 -4.31 -19.39
CA CYS C 31 7.88 -5.05 -20.49
C CYS C 31 6.87 -5.71 -21.42
N ASP C 32 5.82 -6.29 -20.84
CA ASP C 32 4.73 -6.88 -21.62
C ASP C 32 4.06 -5.82 -22.50
N SER C 33 3.68 -4.70 -21.90
CA SER C 33 3.05 -3.59 -22.61
C SER C 33 3.92 -3.08 -23.78
N PHE C 34 5.18 -2.78 -23.49
CA PHE C 34 6.13 -2.30 -24.50
C PHE C 34 6.22 -3.23 -25.71
N LEU C 35 6.28 -4.53 -25.44
CA LEU C 35 6.42 -5.53 -26.48
C LEU C 35 5.15 -5.68 -27.30
N ARG C 36 3.99 -5.54 -26.66
CA ARG C 36 2.72 -5.57 -27.36
C ARG C 36 2.57 -4.37 -28.26
N LEU C 37 3.10 -3.23 -27.84
CA LEU C 37 3.12 -2.06 -28.70
C LEU C 37 4.06 -2.28 -29.88
N CYS C 38 5.20 -2.89 -29.61
CA CYS C 38 6.16 -3.28 -30.65
C CYS C 38 5.59 -4.27 -31.68
N ALA C 39 4.76 -5.20 -31.22
CA ALA C 39 4.13 -6.18 -32.13
C ALA C 39 3.19 -5.54 -33.18
N VAL C 40 2.64 -4.37 -32.86
CA VAL C 40 1.79 -3.64 -33.82
C VAL C 40 2.47 -2.42 -34.46
N LYS C 41 3.80 -2.32 -34.29
CA LYS C 41 4.62 -1.25 -34.87
C LYS C 41 4.28 0.16 -34.37
N TYR C 42 3.71 0.22 -33.18
CA TYR C 42 3.24 1.48 -32.58
C TYR C 42 4.31 2.55 -32.46
N PHE C 43 5.55 2.14 -32.16
CA PHE C 43 6.63 3.10 -31.98
C PHE C 43 7.25 3.63 -33.27
N ASP C 44 6.92 3.02 -34.42
CA ASP C 44 7.45 3.46 -35.72
C ASP C 44 7.06 4.91 -36.02
N ASP C 45 8.06 5.71 -36.43
CA ASP C 45 7.89 7.14 -36.72
C ASP C 45 7.68 8.05 -35.50
N THR C 46 7.59 7.47 -34.28
CA THR C 46 7.64 8.29 -33.05
C THR C 46 9.04 8.89 -32.88
N ILE C 47 9.11 10.04 -32.21
CA ILE C 47 10.37 10.77 -32.12
C ILE C 47 10.85 10.83 -30.67
N PHE C 48 12.05 11.35 -30.46
CA PHE C 48 12.57 11.62 -29.12
C PHE C 48 12.46 13.11 -28.94
N HIS C 49 11.36 13.51 -28.31
CA HIS C 49 10.85 14.89 -28.38
C HIS C 49 11.41 15.80 -27.30
N ARG C 50 12.09 15.22 -26.32
CA ARG C 50 12.58 15.99 -25.18
C ARG C 50 13.90 15.40 -24.70
N CYS C 51 14.92 16.25 -24.67
CA CYS C 51 16.31 15.85 -24.50
C CYS C 51 17.03 16.89 -23.65
N ILE C 52 17.59 16.46 -22.52
CA ILE C 52 18.25 17.34 -21.57
C ILE C 52 19.65 16.82 -21.22
N ARG C 53 20.67 17.55 -21.68
CA ARG C 53 22.06 17.26 -21.35
CA ARG C 53 22.05 17.26 -21.35
C ARG C 53 22.16 16.97 -19.86
N ASN C 54 22.92 15.92 -19.52
CA ASN C 54 23.13 15.49 -18.12
C ASN C 54 21.89 14.94 -17.39
N PHE C 55 20.83 14.66 -18.14
CA PHE C 55 19.59 14.14 -17.55
C PHE C 55 19.10 12.92 -18.33
N MET C 56 18.25 13.12 -19.34
CA MET C 56 17.70 12.01 -20.10
C MET C 56 17.20 12.44 -21.47
N ILE C 57 16.88 11.47 -22.31
CA ILE C 57 16.11 11.69 -23.53
C ILE C 57 14.77 10.91 -23.45
N GLN C 58 13.71 11.54 -23.96
CA GLN C 58 12.35 11.05 -23.77
C GLN C 58 11.65 10.80 -25.11
N GLY C 59 10.97 9.66 -25.22
CA GLY C 59 10.24 9.32 -26.43
C GLY C 59 8.94 8.58 -26.14
N GLY C 60 8.36 8.00 -27.19
CA GLY C 60 7.17 7.16 -27.05
C GLY C 60 5.80 7.84 -27.07
N ARG C 61 5.76 9.13 -27.43
CA ARG C 61 4.49 9.87 -27.48
CA ARG C 61 4.52 9.93 -27.52
C ARG C 61 3.79 9.64 -28.82
N ALA C 62 2.65 8.96 -28.76
CA ALA C 62 1.85 8.68 -29.97
C ALA C 62 1.38 9.96 -30.67
N GLU C 63 1.04 10.97 -29.86
CA GLU C 63 0.54 12.25 -30.35
C GLU C 63 1.57 13.00 -31.22
N LEU C 64 2.85 12.65 -31.06
CA LEU C 64 3.91 13.34 -31.81
C LEU C 64 4.49 12.49 -32.95
N ARG C 65 3.87 11.35 -33.22
CA ARG C 65 4.31 10.47 -34.29
C ARG C 65 4.28 11.18 -35.65
N GLN C 66 5.38 11.09 -36.39
CA GLN C 66 5.49 11.69 -37.71
C GLN C 66 5.46 10.59 -38.80
N PRO C 67 4.28 9.97 -39.07
CA PRO C 67 4.28 8.84 -40.02
C PRO C 67 4.99 9.13 -41.36
N SER C 68 5.72 8.15 -41.89
CA SER C 68 6.52 8.34 -43.10
C SER C 68 6.09 7.47 -44.29
N LYS C 69 5.15 6.55 -44.05
CA LYS C 69 4.62 5.67 -45.08
C LYS C 69 3.23 5.16 -44.68
N LYS C 70 2.63 4.33 -45.54
CA LYS C 70 1.36 3.67 -45.25
C LYS C 70 1.59 2.22 -44.86
N GLN C 75 -2.08 2.58 -36.48
CA GLN C 75 -1.38 3.19 -35.36
C GLN C 75 -2.25 4.17 -34.57
N SER C 76 -2.51 3.83 -33.31
CA SER C 76 -3.27 4.70 -32.39
C SER C 76 -2.70 6.12 -32.35
N PRO C 77 -3.58 7.14 -32.54
CA PRO C 77 -3.14 8.53 -32.51
C PRO C 77 -2.96 9.07 -31.08
N ARG C 78 -3.51 8.36 -30.09
CA ARG C 78 -3.34 8.72 -28.68
C ARG C 78 -2.43 7.69 -27.99
N SER C 79 -1.69 8.16 -26.98
CA SER C 79 -0.80 7.29 -26.21
C SER C 79 -1.57 6.26 -25.41
N ILE C 80 -1.19 5.00 -25.60
CA ILE C 80 -1.81 3.85 -24.96
C ILE C 80 -0.75 2.86 -24.47
N SER C 81 -1.13 2.03 -23.50
CA SER C 81 -0.35 0.84 -23.15
C SER C 81 -0.64 -0.28 -24.16
N GLY C 82 0.13 -1.36 -24.14
CA GLY C 82 -0.04 -2.46 -25.08
C GLY C 82 -1.16 -3.43 -24.72
N PHE C 83 -1.73 -3.27 -23.54
CA PHE C 83 -2.81 -4.12 -23.06
C PHE C 83 -4.13 -3.83 -23.80
N PRO C 84 -5.06 -4.81 -23.84
CA PRO C 84 -6.30 -4.75 -24.65
C PRO C 84 -7.07 -3.42 -24.63
N GLY C 85 -7.29 -2.82 -23.45
CA GLY C 85 -8.00 -1.55 -23.40
C GLY C 85 -7.17 -0.32 -23.77
N GLY C 86 -5.85 -0.48 -23.76
CA GLY C 86 -4.91 0.64 -23.86
C GLY C 86 -4.81 1.42 -22.57
N ALA C 87 -5.46 0.92 -21.52
CA ALA C 87 -5.57 1.59 -20.21
C ALA C 87 -4.25 1.58 -19.41
N PRO C 88 -4.03 2.63 -18.59
CA PRO C 88 -2.77 2.79 -17.86
C PRO C 88 -2.57 1.68 -16.85
N PHE C 89 -1.32 1.21 -16.73
CA PHE C 89 -1.00 0.14 -15.80
C PHE C 89 -0.20 0.66 -14.61
N GLU C 90 -0.16 -0.14 -13.56
CA GLU C 90 0.47 0.23 -12.30
C GLU C 90 2.00 0.25 -12.35
N ASP C 91 2.57 1.12 -11.51
CA ASP C 91 3.98 1.19 -11.27
C ASP C 91 4.54 -0.11 -10.72
N GLU C 92 5.80 -0.36 -11.05
CA GLU C 92 6.52 -1.53 -10.59
C GLU C 92 7.92 -1.12 -10.15
N PHE C 93 8.16 -1.18 -8.85
CA PHE C 93 9.46 -0.81 -8.32
C PHE C 93 10.21 -2.02 -7.75
N ASP C 94 11.54 -1.94 -7.79
CA ASP C 94 12.40 -2.99 -7.28
C ASP C 94 13.67 -2.31 -6.81
N ASN C 95 14.14 -2.63 -5.61
CA ASN C 95 15.27 -1.89 -5.04
C ASN C 95 16.59 -2.20 -5.73
N ARG C 96 16.59 -3.23 -6.57
CA ARG C 96 17.72 -3.58 -7.41
C ARG C 96 17.74 -2.73 -8.68
N LEU C 97 16.63 -2.06 -8.94
CA LEU C 97 16.49 -1.18 -10.10
C LEU C 97 16.45 0.28 -9.67
N VAL C 98 17.51 1.02 -10.02
CA VAL C 98 17.67 2.45 -9.68
C VAL C 98 18.11 3.28 -10.90
N HIS C 99 17.77 4.57 -10.92
CA HIS C 99 18.17 5.45 -12.04
C HIS C 99 19.64 5.91 -11.93
N GLN C 100 20.55 4.94 -11.85
CA GLN C 100 21.99 5.24 -11.66
CA GLN C 100 21.98 5.22 -11.65
C GLN C 100 22.75 5.09 -12.97
N GLY C 101 23.53 6.12 -13.30
CA GLY C 101 24.36 6.09 -14.50
C GLY C 101 23.60 6.24 -15.80
N ILE C 102 24.33 6.10 -16.90
CA ILE C 102 23.80 6.20 -18.25
C ILE C 102 23.05 4.93 -18.67
N GLY C 103 22.01 5.10 -19.48
CA GLY C 103 21.39 3.96 -20.16
C GLY C 103 20.20 3.26 -19.49
N VAL C 104 19.73 3.79 -18.37
CA VAL C 104 18.53 3.23 -17.71
C VAL C 104 17.25 3.57 -18.51
N LEU C 105 16.51 2.54 -18.88
CA LEU C 105 15.25 2.73 -19.57
C LEU C 105 14.09 2.67 -18.57
N SER C 106 13.31 3.75 -18.55
CA SER C 106 12.31 3.93 -17.51
C SER C 106 11.06 4.61 -18.09
N MET C 107 9.93 4.44 -17.39
CA MET C 107 8.65 4.97 -17.85
C MET C 107 8.41 6.41 -17.46
N ALA C 108 8.02 7.22 -18.43
CA ALA C 108 7.52 8.55 -18.14
C ALA C 108 6.05 8.37 -17.73
N ASN C 109 5.57 9.21 -16.80
CA ASN C 109 4.18 9.11 -16.34
C ASN C 109 3.60 10.48 -15.98
N ASP C 110 2.34 10.48 -15.54
CA ASP C 110 1.66 11.69 -15.02
C ASP C 110 1.31 11.56 -13.53
N GLY C 111 2.11 10.80 -12.79
CA GLY C 111 1.76 10.45 -11.42
C GLY C 111 1.58 8.95 -11.25
N LYS C 112 1.21 8.53 -10.04
CA LYS C 112 1.14 7.12 -9.69
C LYS C 112 0.21 6.31 -10.59
N HIS C 113 0.71 5.19 -11.08
CA HIS C 113 -0.06 4.22 -11.88
C HIS C 113 -0.71 4.80 -13.13
N SER C 114 0.06 5.55 -13.89
CA SER C 114 -0.43 6.17 -15.11
C SER C 114 0.43 5.81 -16.33
N ASN C 115 1.01 4.61 -16.31
CA ASN C 115 1.91 4.17 -17.37
C ASN C 115 1.18 3.85 -18.67
N LEU C 116 1.60 4.50 -19.76
CA LEU C 116 1.09 4.15 -21.07
C LEU C 116 2.23 3.68 -21.97
N SER C 117 2.85 4.60 -22.71
CA SER C 117 3.86 4.22 -23.70
C SER C 117 5.13 5.05 -23.65
N GLU C 118 5.07 6.21 -23.01
CA GLU C 118 6.20 7.13 -22.97
C GLU C 118 7.29 6.70 -22.01
N PHE C 119 8.52 6.88 -22.46
CA PHE C 119 9.66 6.35 -21.74
C PHE C 119 10.83 7.31 -21.87
N PHE C 120 11.81 7.15 -20.98
CA PHE C 120 13.06 7.86 -21.11
C PHE C 120 14.24 6.93 -20.90
N ILE C 121 15.37 7.34 -21.46
CA ILE C 121 16.64 6.68 -21.27
C ILE C 121 17.57 7.71 -20.64
N THR C 122 18.17 7.35 -19.51
CA THR C 122 18.98 8.28 -18.75
C THR C 122 20.35 8.53 -19.40
N PHE C 123 20.82 9.77 -19.28
CA PHE C 123 22.18 10.16 -19.68
C PHE C 123 23.07 10.10 -18.45
N LYS C 124 22.48 10.37 -17.29
CA LYS C 124 23.19 10.45 -16.01
C LYS C 124 22.30 9.95 -14.88
N SER C 125 22.90 9.77 -13.71
CA SER C 125 22.17 9.43 -12.50
C SER C 125 21.12 10.47 -12.24
N CYS C 126 19.89 10.01 -11.99
CA CYS C 126 18.80 10.90 -11.62
C CYS C 126 17.92 10.18 -10.60
N GLU C 127 18.55 9.75 -9.51
CA GLU C 127 17.91 8.84 -8.53
C GLU C 127 16.80 9.47 -7.67
N HIS C 128 16.55 10.75 -7.85
CA HIS C 128 15.41 11.40 -7.23
C HIS C 128 14.13 10.85 -7.86
N LEU C 129 14.30 10.14 -9.00
CA LEU C 129 13.21 9.50 -9.75
C LEU C 129 12.90 8.10 -9.26
N ASN C 130 13.78 7.54 -8.43
CA ASN C 130 13.56 6.22 -7.86
C ASN C 130 12.21 6.13 -7.16
N ASN C 131 11.51 5.02 -7.41
CA ASN C 131 10.21 4.73 -6.77
C ASN C 131 9.14 5.74 -7.16
N LYS C 132 9.37 6.40 -8.30
CA LYS C 132 8.38 7.26 -8.94
C LYS C 132 8.15 6.82 -10.39
N HIS C 133 9.18 6.20 -10.97
CA HIS C 133 9.13 5.75 -12.35
C HIS C 133 9.57 4.30 -12.47
N THR C 134 8.79 3.52 -13.22
CA THR C 134 9.11 2.12 -13.43
C THR C 134 10.33 2.01 -14.34
N ILE C 135 11.41 1.47 -13.80
CA ILE C 135 12.57 1.09 -14.59
C ILE C 135 12.30 -0.31 -15.10
N PHE C 136 12.40 -0.49 -16.42
CA PHE C 136 12.05 -1.76 -17.04
C PHE C 136 13.10 -2.25 -18.05
N GLY C 137 14.20 -1.52 -18.18
CA GLY C 137 15.23 -1.92 -19.11
C GLY C 137 16.54 -1.20 -18.95
N ARG C 138 17.53 -1.58 -19.76
CA ARG C 138 18.79 -0.86 -19.83
C ARG C 138 19.40 -0.99 -21.21
N VAL C 139 20.20 0.00 -21.60
CA VAL C 139 20.94 -0.03 -22.85
C VAL C 139 22.15 -0.95 -22.68
N VAL C 140 22.21 -2.01 -23.49
CA VAL C 140 23.32 -2.97 -23.45
C VAL C 140 24.21 -2.89 -24.71
N GLY C 141 23.81 -2.03 -25.64
CA GLY C 141 24.55 -1.78 -26.86
C GLY C 141 24.16 -0.42 -27.37
N GLY C 142 25.14 0.34 -27.84
CA GLY C 142 24.90 1.67 -28.39
C GLY C 142 24.98 2.83 -27.41
N LEU C 143 25.83 2.72 -26.39
CA LEU C 143 26.01 3.84 -25.45
C LEU C 143 26.65 5.09 -26.07
N ASP C 144 27.51 4.90 -27.07
CA ASP C 144 28.11 6.05 -27.76
C ASP C 144 27.10 6.82 -28.61
N VAL C 145 26.11 6.09 -29.15
CA VAL C 145 24.95 6.70 -29.84
C VAL C 145 24.18 7.62 -28.88
N LEU C 146 23.92 7.12 -27.69
CA LEU C 146 23.21 7.83 -26.63
C LEU C 146 23.95 9.10 -26.22
N ARG C 147 25.28 9.00 -26.14
CA ARG C 147 26.14 10.15 -25.85
C ARG C 147 26.08 11.21 -26.93
N GLN C 148 25.88 10.78 -28.18
CA GLN C 148 25.70 11.69 -29.31
CA GLN C 148 25.71 11.70 -29.30
C GLN C 148 24.38 12.44 -29.21
N TRP C 149 23.33 11.74 -28.79
CA TRP C 149 22.00 12.34 -28.63
C TRP C 149 22.02 13.40 -27.55
N GLU C 150 22.82 13.17 -26.51
CA GLU C 150 22.95 14.10 -25.39
C GLU C 150 23.48 15.47 -25.81
N LYS C 151 24.30 15.50 -26.86
CA LYS C 151 24.84 16.76 -27.37
C LYS C 151 24.09 17.33 -28.57
N LEU C 152 22.88 16.80 -28.82
CA LEU C 152 21.95 17.38 -29.78
C LEU C 152 21.55 18.78 -29.32
N GLU C 153 21.39 19.70 -30.27
CA GLU C 153 20.94 21.06 -29.95
C GLU C 153 19.42 21.12 -29.89
N THR C 154 18.91 21.83 -28.88
CA THR C 154 17.48 21.81 -28.56
C THR C 154 16.89 23.24 -28.48
N ASP C 155 15.61 23.37 -28.80
CA ASP C 155 14.93 24.66 -28.68
C ASP C 155 14.69 25.02 -27.20
N LYS C 156 13.89 26.06 -26.97
CA LYS C 156 13.63 26.57 -25.62
C LYS C 156 12.90 25.54 -24.75
N LYS C 157 12.04 24.74 -25.38
CA LYS C 157 11.24 23.73 -24.68
C LYS C 157 11.92 22.34 -24.62
N ASP C 158 13.24 22.34 -24.84
CA ASP C 158 14.11 21.14 -24.74
C ASP C 158 13.98 20.10 -25.86
N LYS C 159 13.13 20.38 -26.85
CA LYS C 159 12.98 19.52 -28.03
C LYS C 159 14.21 19.64 -28.94
N PRO C 160 14.82 18.50 -29.34
CA PRO C 160 15.90 18.57 -30.34
C PRO C 160 15.45 19.24 -31.64
N LEU C 161 16.34 19.98 -32.28
CA LEU C 161 16.01 20.62 -33.55
C LEU C 161 15.83 19.55 -34.63
N LYS C 162 16.67 18.52 -34.55
CA LYS C 162 16.55 17.29 -35.36
C LYS C 162 16.33 16.09 -34.42
N PRO C 163 15.06 15.82 -34.04
CA PRO C 163 14.78 14.70 -33.14
C PRO C 163 15.06 13.35 -33.81
N PRO C 164 15.76 12.44 -33.12
CA PRO C 164 15.86 11.07 -33.62
C PRO C 164 14.47 10.46 -33.75
N LYS C 165 14.22 9.85 -34.90
CA LYS C 165 12.92 9.24 -35.18
C LYS C 165 13.09 7.73 -35.28
N VAL C 166 12.19 7.00 -34.63
CA VAL C 166 12.21 5.54 -34.66
C VAL C 166 11.81 5.04 -36.05
N GLU C 167 12.72 4.31 -36.70
CA GLU C 167 12.41 3.65 -37.96
C GLU C 167 11.73 2.31 -37.73
N GLU C 168 12.25 1.54 -36.79
CA GLU C 168 11.64 0.28 -36.39
C GLU C 168 12.20 -0.20 -35.06
N ILE C 169 11.48 -1.13 -34.44
CA ILE C 169 11.99 -1.82 -33.26
C ILE C 169 11.96 -3.32 -33.56
N ILE C 170 13.15 -3.92 -33.53
CA ILE C 170 13.33 -5.34 -33.82
C ILE C 170 13.42 -6.04 -32.48
N VAL C 171 12.50 -6.95 -32.20
CA VAL C 171 12.59 -7.70 -30.95
C VAL C 171 13.22 -9.07 -31.19
N PHE C 172 14.27 -9.39 -30.42
CA PHE C 172 14.97 -10.66 -30.54
C PHE C 172 13.97 -11.78 -30.35
N LYS C 173 13.39 -11.85 -29.17
CA LYS C 173 12.19 -12.64 -28.95
C LYS C 173 11.47 -12.28 -27.66
N ASN C 174 10.21 -12.73 -27.55
CA ASN C 174 9.31 -12.34 -26.47
C ASN C 174 9.26 -13.36 -25.36
N PRO C 175 9.77 -13.00 -24.16
CA PRO C 175 9.82 -13.90 -23.00
C PRO C 175 8.44 -14.27 -22.44
N PHE C 176 7.40 -13.55 -22.88
CA PHE C 176 6.03 -13.85 -22.47
C PHE C 176 5.35 -14.76 -23.50
N GLU C 177 6.16 -15.40 -24.34
CA GLU C 177 5.69 -16.31 -25.40
C GLU C 177 6.49 -17.61 -25.43
N LYS D 4 -13.65 -31.47 -0.80
CA LYS D 4 -12.94 -30.17 -1.01
C LYS D 4 -11.46 -30.30 -0.60
N LYS D 5 -10.61 -29.45 -1.18
CA LYS D 5 -9.17 -29.53 -0.93
C LYS D 5 -8.81 -28.82 0.36
N LYS D 6 -8.60 -29.59 1.42
CA LYS D 6 -8.28 -29.06 2.75
C LYS D 6 -7.00 -29.67 3.29
N GLY D 7 -6.40 -28.99 4.26
CA GLY D 7 -5.30 -29.49 5.03
C GLY D 7 -5.75 -29.68 6.46
N TYR D 8 -5.04 -30.52 7.20
CA TYR D 8 -5.34 -30.75 8.62
C TYR D 8 -4.04 -30.84 9.40
N LEU D 9 -4.01 -30.20 10.56
CA LEU D 9 -2.85 -30.23 11.45
C LEU D 9 -3.26 -30.00 12.89
N ARG D 10 -2.38 -30.43 13.81
CA ARG D 10 -2.53 -30.15 15.21
C ARG D 10 -1.36 -29.31 15.69
N ILE D 11 -1.65 -28.18 16.31
CA ILE D 11 -0.63 -27.41 16.99
C ILE D 11 -0.60 -27.85 18.43
N VAL D 12 0.55 -28.41 18.84
CA VAL D 12 0.72 -28.91 20.18
C VAL D 12 1.52 -27.88 20.95
N THR D 13 0.92 -27.29 21.97
CA THR D 13 1.60 -26.28 22.78
C THR D 13 1.81 -26.77 24.21
N THR D 14 2.64 -26.05 24.95
CA THR D 14 2.86 -26.25 26.38
C THR D 14 1.60 -26.00 27.21
N GLN D 15 0.54 -25.48 26.56
CA GLN D 15 -0.72 -25.14 27.24
C GLN D 15 -1.96 -25.58 26.46
N GLY D 16 -1.90 -26.75 25.85
CA GLY D 16 -3.02 -27.27 25.08
C GLY D 16 -2.69 -27.50 23.62
N SER D 17 -3.53 -28.31 22.97
CA SER D 17 -3.39 -28.61 21.56
C SER D 17 -4.60 -28.14 20.76
N LEU D 18 -4.37 -27.82 19.49
CA LEU D 18 -5.43 -27.31 18.62
C LEU D 18 -5.50 -28.09 17.32
N ASN D 19 -6.70 -28.58 17.01
CA ASN D 19 -6.97 -29.22 15.73
C ASN D 19 -7.45 -28.19 14.72
N ILE D 20 -6.77 -28.12 13.58
CA ILE D 20 -7.02 -27.06 12.61
C ILE D 20 -7.28 -27.60 11.20
N GLU D 21 -8.28 -27.04 10.54
CA GLU D 21 -8.48 -27.27 9.12
C GLU D 21 -7.94 -26.08 8.33
N LEU D 22 -7.05 -26.35 7.38
CA LEU D 22 -6.56 -25.35 6.45
C LEU D 22 -7.45 -25.28 5.20
N HIS D 23 -7.95 -24.09 4.88
CA HIS D 23 -8.77 -23.88 3.69
C HIS D 23 -7.92 -23.73 2.42
N ALA D 24 -7.23 -24.80 2.02
CA ALA D 24 -6.33 -24.79 0.85
C ALA D 24 -7.08 -24.56 -0.47
N ASP D 25 -8.40 -24.73 -0.41
CA ASP D 25 -9.27 -24.49 -1.55
C ASP D 25 -9.50 -23.00 -1.86
N MET D 26 -9.45 -22.16 -0.83
CA MET D 26 -9.76 -20.74 -1.00
C MET D 26 -8.57 -19.83 -0.72
N ALA D 27 -7.58 -20.37 -0.03
CA ALA D 27 -6.38 -19.61 0.30
C ALA D 27 -5.16 -20.50 0.15
N PRO D 28 -4.93 -21.03 -1.08
CA PRO D 28 -3.88 -22.00 -1.36
C PRO D 28 -2.46 -21.55 -0.98
N ARG D 29 -2.12 -20.29 -1.23
CA ARG D 29 -0.76 -19.79 -0.94
C ARG D 29 -0.47 -19.71 0.56
N ALA D 30 -1.39 -19.10 1.30
CA ALA D 30 -1.28 -19.04 2.75
C ALA D 30 -1.18 -20.45 3.37
N CYS D 31 -1.96 -21.40 2.85
CA CYS D 31 -1.87 -22.79 3.32
C CYS D 31 -0.57 -23.46 2.91
N ASP D 32 -0.18 -23.30 1.65
CA ASP D 32 1.07 -23.89 1.15
C ASP D 32 2.27 -23.39 1.95
N SER D 33 2.36 -22.06 2.13
CA SER D 33 3.46 -21.44 2.87
C SER D 33 3.53 -21.96 4.31
N PHE D 34 2.38 -21.97 4.99
CA PHE D 34 2.27 -22.45 6.38
C PHE D 34 2.72 -23.91 6.51
N LEU D 35 2.20 -24.77 5.63
CA LEU D 35 2.54 -26.20 5.60
C LEU D 35 3.99 -26.46 5.28
N ARG D 36 4.57 -25.65 4.40
CA ARG D 36 6.00 -25.73 4.12
C ARG D 36 6.88 -25.35 5.30
N LEU D 37 6.38 -24.44 6.15
CA LEU D 37 7.09 -24.04 7.35
C LEU D 37 7.00 -25.13 8.41
N CYS D 38 5.86 -25.81 8.45
CA CYS D 38 5.69 -26.95 9.35
C CYS D 38 6.66 -28.09 9.00
N ALA D 39 6.78 -28.37 7.70
CA ALA D 39 7.66 -29.45 7.18
C ALA D 39 9.11 -29.28 7.59
N VAL D 40 9.46 -28.05 7.93
CA VAL D 40 10.82 -27.67 8.28
C VAL D 40 10.97 -27.36 9.77
N LYS D 41 9.87 -27.48 10.52
CA LYS D 41 9.82 -27.27 11.99
C LYS D 41 9.98 -25.81 12.48
N TYR D 42 9.85 -24.87 11.54
CA TYR D 42 9.94 -23.41 11.77
C TYR D 42 9.15 -22.92 12.97
N PHE D 43 7.97 -23.50 13.20
CA PHE D 43 7.12 -23.04 14.30
C PHE D 43 7.46 -23.63 15.67
N ASP D 44 8.33 -24.64 15.72
CA ASP D 44 8.73 -25.23 16.99
C ASP D 44 9.43 -24.17 17.83
N ASP D 45 8.99 -24.04 19.08
CA ASP D 45 9.52 -23.08 20.07
C ASP D 45 9.07 -21.63 19.92
N THR D 46 8.28 -21.34 18.88
CA THR D 46 7.64 -20.05 18.78
C THR D 46 6.56 -19.96 19.85
N ILE D 47 6.19 -18.73 20.20
CA ILE D 47 5.22 -18.49 21.24
C ILE D 47 4.01 -17.75 20.68
N PHE D 48 2.96 -17.65 21.48
CA PHE D 48 1.88 -16.71 21.25
C PHE D 48 2.18 -15.46 22.08
N HIS D 49 2.55 -14.39 21.39
CA HIS D 49 3.18 -13.24 22.02
C HIS D 49 2.27 -12.05 22.25
N ARG D 50 1.11 -12.04 21.61
CA ARG D 50 0.12 -10.98 21.78
C ARG D 50 -1.28 -11.60 21.94
N CYS D 51 -1.92 -11.30 23.06
CA CYS D 51 -3.18 -11.97 23.46
C CYS D 51 -4.12 -10.94 24.04
N ILE D 52 -5.25 -10.73 23.38
CA ILE D 52 -6.22 -9.72 23.79
C ILE D 52 -7.59 -10.36 23.96
N ARG D 53 -8.06 -10.38 25.21
CA ARG D 53 -9.39 -10.87 25.57
C ARG D 53 -10.46 -10.30 24.67
N ASN D 54 -11.43 -11.14 24.29
CA ASN D 54 -12.54 -10.77 23.41
C ASN D 54 -12.14 -10.38 21.97
N PHE D 55 -10.90 -10.68 21.60
CA PHE D 55 -10.39 -10.31 20.28
C PHE D 55 -9.69 -11.51 19.65
N MET D 56 -8.37 -11.62 19.85
CA MET D 56 -7.60 -12.72 19.25
C MET D 56 -6.32 -12.99 20.03
N ILE D 57 -5.68 -14.11 19.69
CA ILE D 57 -4.32 -14.41 20.15
C ILE D 57 -3.42 -14.56 18.91
N GLN D 58 -2.19 -14.08 19.01
CA GLN D 58 -1.27 -13.98 17.87
C GLN D 58 0.01 -14.78 18.08
N GLY D 59 0.53 -15.41 17.02
CA GLY D 59 1.79 -16.15 17.09
C GLY D 59 2.57 -16.22 15.79
N GLY D 60 3.51 -17.15 15.70
CA GLY D 60 4.26 -17.40 14.48
C GLY D 60 5.43 -16.47 14.15
N ARG D 61 5.88 -15.70 15.13
CA ARG D 61 6.98 -14.77 14.91
C ARG D 61 8.31 -15.46 15.20
N ALA D 62 9.11 -15.60 14.14
CA ALA D 62 10.43 -16.24 14.23
C ALA D 62 11.36 -15.52 15.21
N GLU D 63 11.28 -14.19 15.22
CA GLU D 63 12.12 -13.33 16.07
C GLU D 63 11.94 -13.58 17.57
N LEU D 64 10.81 -14.17 17.94
CA LEU D 64 10.49 -14.42 19.35
C LEU D 64 10.57 -15.90 19.74
N ARG D 65 11.10 -16.72 18.84
CA ARG D 65 11.29 -18.15 19.09
C ARG D 65 12.24 -18.39 20.27
N GLN D 66 11.81 -19.23 21.21
CA GLN D 66 12.54 -19.50 22.43
C GLN D 66 13.26 -20.86 22.47
N PRO D 67 14.61 -20.84 22.40
CA PRO D 67 15.51 -22.00 22.57
C PRO D 67 15.00 -23.04 23.57
N GLN D 74 19.78 -23.55 12.87
CA GLN D 74 18.86 -24.48 12.21
C GLN D 74 17.64 -23.76 11.65
N GLN D 75 16.90 -23.08 12.52
CA GLN D 75 15.68 -22.34 12.17
CA GLN D 75 15.71 -22.35 12.11
C GLN D 75 16.00 -20.88 11.81
N SER D 76 15.23 -20.30 10.89
CA SER D 76 15.40 -18.89 10.53
C SER D 76 15.05 -17.96 11.68
N PRO D 77 15.95 -17.02 12.02
CA PRO D 77 15.72 -16.05 13.10
C PRO D 77 14.86 -14.87 12.65
N ARG D 78 14.80 -14.65 11.33
CA ARG D 78 13.94 -13.65 10.72
C ARG D 78 12.66 -14.34 10.23
N SER D 79 11.53 -13.66 10.38
CA SER D 79 10.26 -14.20 9.90
C SER D 79 10.28 -14.28 8.38
N ILE D 80 9.84 -15.42 7.86
CA ILE D 80 9.82 -15.71 6.44
C ILE D 80 8.54 -16.45 6.06
N SER D 81 8.16 -16.40 4.78
CA SER D 81 7.15 -17.29 4.26
C SER D 81 7.83 -18.64 4.01
N GLY D 82 7.04 -19.64 3.60
CA GLY D 82 7.56 -20.98 3.40
C GLY D 82 7.99 -21.25 1.97
N PHE D 83 7.84 -20.25 1.11
CA PHE D 83 8.27 -20.37 -0.28
C PHE D 83 9.78 -20.16 -0.42
N PRO D 84 10.38 -20.69 -1.51
CA PRO D 84 11.81 -20.48 -1.76
C PRO D 84 12.11 -18.99 -1.81
N GLY D 85 13.17 -18.55 -1.12
CA GLY D 85 13.50 -17.13 -1.04
C GLY D 85 12.86 -16.47 0.17
N GLY D 86 11.75 -17.03 0.64
CA GLY D 86 11.10 -16.58 1.89
C GLY D 86 10.37 -15.25 1.79
N ALA D 87 10.19 -14.75 0.57
CA ALA D 87 9.55 -13.45 0.32
C ALA D 87 8.09 -13.41 0.77
N PRO D 88 7.56 -12.21 1.09
CA PRO D 88 6.12 -12.13 1.44
C PRO D 88 5.22 -12.45 0.26
N PHE D 89 4.04 -13.00 0.53
CA PHE D 89 3.10 -13.35 -0.53
C PHE D 89 1.82 -12.53 -0.48
N GLU D 90 1.15 -12.47 -1.64
CA GLU D 90 -0.08 -11.69 -1.80
C GLU D 90 -1.24 -12.19 -0.93
N ASP D 91 -2.16 -11.29 -0.62
CA ASP D 91 -3.38 -11.59 0.13
C ASP D 91 -4.34 -12.46 -0.67
N GLU D 92 -5.23 -13.15 0.05
CA GLU D 92 -6.17 -14.08 -0.54
C GLU D 92 -7.50 -13.98 0.21
N PHE D 93 -8.50 -13.36 -0.44
CA PHE D 93 -9.82 -13.16 0.18
C PHE D 93 -10.92 -13.94 -0.51
N ASP D 94 -11.95 -14.27 0.27
CA ASP D 94 -13.12 -14.99 -0.20
C ASP D 94 -14.31 -14.58 0.69
N ASN D 95 -15.44 -14.26 0.07
CA ASN D 95 -16.66 -13.83 0.77
C ASN D 95 -17.24 -14.87 1.70
N ARG D 96 -16.84 -16.12 1.51
CA ARG D 96 -17.27 -17.22 2.36
C ARG D 96 -16.40 -17.31 3.61
N LEU D 97 -15.26 -16.63 3.58
CA LEU D 97 -14.33 -16.60 4.70
C LEU D 97 -14.35 -15.23 5.39
N VAL D 98 -15.00 -15.19 6.55
CA VAL D 98 -15.15 -13.97 7.34
C VAL D 98 -14.65 -14.15 8.79
N HIS D 99 -14.22 -13.05 9.42
CA HIS D 99 -13.72 -13.09 10.81
C HIS D 99 -14.89 -13.12 11.78
N GLN D 100 -15.63 -14.22 11.75
CA GLN D 100 -16.83 -14.40 12.54
C GLN D 100 -16.67 -15.51 13.58
N GLY D 101 -16.96 -15.19 14.84
CA GLY D 101 -16.87 -16.14 15.94
C GLY D 101 -15.49 -16.59 16.35
N ILE D 102 -15.46 -17.57 17.24
CA ILE D 102 -14.24 -18.12 17.80
C ILE D 102 -13.54 -19.05 16.81
N GLY D 103 -12.21 -19.05 16.83
CA GLY D 103 -11.45 -20.08 16.12
C GLY D 103 -11.12 -19.85 14.66
N VAL D 104 -11.20 -18.60 14.20
CA VAL D 104 -10.79 -18.28 12.83
C VAL D 104 -9.27 -18.08 12.77
N LEU D 105 -8.61 -18.78 11.85
CA LEU D 105 -7.17 -18.67 11.66
C LEU D 105 -6.86 -17.75 10.50
N SER D 106 -6.15 -16.67 10.78
CA SER D 106 -5.94 -15.63 9.78
C SER D 106 -4.51 -15.09 9.83
N MET D 107 -4.03 -14.56 8.72
CA MET D 107 -2.66 -14.03 8.66
C MET D 107 -2.52 -12.65 9.29
N ALA D 108 -1.50 -12.48 10.13
CA ALA D 108 -1.09 -11.14 10.56
C ALA D 108 -0.27 -10.51 9.42
N ASN D 109 -0.35 -9.20 9.28
CA ASN D 109 0.44 -8.49 8.25
C ASN D 109 0.77 -7.04 8.66
N ASP D 110 1.49 -6.32 7.79
CA ASP D 110 1.68 -4.86 7.92
C ASP D 110 1.11 -4.09 6.73
N GLY D 111 -0.08 -4.49 6.29
CA GLY D 111 -0.69 -3.91 5.10
C GLY D 111 -0.71 -4.91 3.95
N LYS D 112 -1.19 -4.42 2.81
CA LYS D 112 -1.34 -5.17 1.56
C LYS D 112 -0.18 -6.11 1.24
N HIS D 113 -0.48 -7.38 0.99
CA HIS D 113 0.50 -8.34 0.46
C HIS D 113 1.83 -8.41 1.22
N SER D 114 1.76 -8.55 2.54
CA SER D 114 2.96 -8.62 3.39
C SER D 114 2.86 -9.83 4.32
N ASN D 115 2.43 -10.94 3.74
CA ASN D 115 2.25 -12.18 4.46
C ASN D 115 3.52 -12.97 4.50
N LEU D 116 3.96 -13.31 5.72
CA LEU D 116 5.14 -14.14 5.96
C LEU D 116 4.74 -15.37 6.79
N SER D 117 4.76 -15.25 8.12
CA SER D 117 4.49 -16.39 8.99
C SER D 117 3.58 -16.11 10.20
N GLU D 118 3.41 -14.85 10.55
CA GLU D 118 2.59 -14.50 11.70
C GLU D 118 1.11 -14.68 11.42
N PHE D 119 0.42 -15.22 12.42
CA PHE D 119 -0.98 -15.55 12.26
C PHE D 119 -1.73 -15.22 13.54
N PHE D 120 -3.05 -15.20 13.44
CA PHE D 120 -3.87 -15.12 14.64
C PHE D 120 -5.08 -16.04 14.64
N ILE D 121 -5.57 -16.32 15.84
CA ILE D 121 -6.79 -17.11 16.03
C ILE D 121 -7.77 -16.29 16.86
N THR D 122 -8.98 -16.12 16.32
CA THR D 122 -9.98 -15.27 16.93
C THR D 122 -10.58 -15.87 18.18
N PHE D 123 -10.94 -14.98 19.12
CA PHE D 123 -11.73 -15.33 20.28
C PHE D 123 -13.17 -14.90 20.03
N LYS D 124 -13.33 -13.79 19.32
CA LYS D 124 -14.63 -13.22 18.99
C LYS D 124 -14.57 -12.69 17.56
N SER D 125 -15.73 -12.25 17.06
CA SER D 125 -15.82 -11.63 15.74
C SER D 125 -15.00 -10.35 15.68
N CYS D 126 -14.38 -10.12 14.53
CA CYS D 126 -13.61 -8.90 14.26
C CYS D 126 -13.66 -8.64 12.77
N GLU D 127 -14.88 -8.49 12.26
CA GLU D 127 -15.09 -8.45 10.82
C GLU D 127 -14.60 -7.16 10.14
N HIS D 128 -14.14 -6.20 10.92
CA HIS D 128 -13.44 -5.02 10.37
C HIS D 128 -12.13 -5.46 9.72
N LEU D 129 -11.74 -6.72 9.98
CA LEU D 129 -10.53 -7.32 9.42
C LEU D 129 -10.77 -8.03 8.09
N ASN D 130 -12.04 -8.23 7.72
CA ASN D 130 -12.40 -8.84 6.45
C ASN D 130 -11.74 -8.11 5.31
N ASN D 131 -11.16 -8.86 4.37
CA ASN D 131 -10.54 -8.28 3.17
C ASN D 131 -9.35 -7.39 3.50
N LYS D 132 -8.79 -7.61 4.67
CA LYS D 132 -7.59 -6.96 5.12
C LYS D 132 -6.55 -8.03 5.49
N HIS D 133 -7.04 -9.20 5.94
CA HIS D 133 -6.20 -10.31 6.39
C HIS D 133 -6.63 -11.63 5.76
N THR D 134 -5.69 -12.42 5.26
CA THR D 134 -6.00 -13.73 4.69
C THR D 134 -6.44 -14.71 5.76
N ILE D 135 -7.72 -15.05 5.78
CA ILE D 135 -8.25 -16.21 6.53
C ILE D 135 -7.88 -17.48 5.77
N PHE D 136 -7.20 -18.40 6.44
CA PHE D 136 -6.73 -19.60 5.75
C PHE D 136 -7.01 -20.89 6.50
N GLY D 137 -7.66 -20.78 7.66
CA GLY D 137 -8.09 -21.97 8.37
C GLY D 137 -9.13 -21.69 9.43
N ARG D 138 -9.39 -22.71 10.23
CA ARG D 138 -10.26 -22.63 11.41
C ARG D 138 -9.92 -23.73 12.42
N VAL D 139 -10.14 -23.45 13.69
CA VAL D 139 -9.99 -24.46 14.74
C VAL D 139 -11.23 -25.38 14.73
N VAL D 140 -10.98 -26.69 14.58
CA VAL D 140 -12.04 -27.71 14.56
C VAL D 140 -12.04 -28.57 15.82
N GLY D 141 -11.02 -28.38 16.65
CA GLY D 141 -10.90 -29.09 17.91
C GLY D 141 -9.98 -28.36 18.83
N GLY D 142 -10.40 -28.22 20.08
CA GLY D 142 -9.62 -27.52 21.08
C GLY D 142 -10.06 -26.09 21.26
N LEU D 143 -11.35 -25.82 21.10
CA LEU D 143 -11.93 -24.49 21.36
C LEU D 143 -11.90 -24.13 22.85
N ASP D 144 -11.94 -25.15 23.71
CA ASP D 144 -11.85 -24.92 25.15
C ASP D 144 -10.45 -24.47 25.58
N VAL D 145 -9.43 -24.91 24.84
CA VAL D 145 -8.06 -24.43 25.00
C VAL D 145 -7.93 -22.95 24.60
N LEU D 146 -8.49 -22.58 23.45
CA LEU D 146 -8.55 -21.18 23.05
C LEU D 146 -9.18 -20.33 24.16
N ARG D 147 -10.27 -20.82 24.71
CA ARG D 147 -10.99 -20.14 25.77
C ARG D 147 -10.17 -19.95 27.07
N GLN D 148 -9.30 -20.91 27.39
CA GLN D 148 -8.39 -20.74 28.53
CA GLN D 148 -8.38 -20.75 28.51
C GLN D 148 -7.32 -19.70 28.21
N TRP D 149 -6.77 -19.73 26.98
CA TRP D 149 -5.79 -18.74 26.55
C TRP D 149 -6.32 -17.31 26.65
N GLU D 150 -7.62 -17.16 26.38
CA GLU D 150 -8.27 -15.86 26.45
C GLU D 150 -8.17 -15.22 27.83
N LYS D 151 -8.12 -16.06 28.87
CA LYS D 151 -8.08 -15.64 30.27
C LYS D 151 -6.66 -15.40 30.77
N LEU D 152 -5.66 -15.74 29.96
CA LEU D 152 -4.27 -15.54 30.31
C LEU D 152 -4.00 -14.12 30.80
N GLU D 153 -3.20 -14.01 31.86
CA GLU D 153 -2.75 -12.74 32.40
C GLU D 153 -1.68 -12.17 31.47
N THR D 154 -1.77 -10.87 31.22
CA THR D 154 -1.01 -10.23 30.18
C THR D 154 -0.26 -9.00 30.72
N ASP D 155 0.80 -8.58 30.04
CA ASP D 155 1.52 -7.37 30.42
C ASP D 155 0.98 -6.12 29.69
N LYS D 156 1.71 -5.00 29.77
CA LYS D 156 1.25 -3.72 29.21
C LYS D 156 1.23 -3.70 27.69
N LYS D 157 1.99 -4.62 27.07
CA LYS D 157 2.02 -4.71 25.61
CA LYS D 157 2.09 -4.77 25.61
C LYS D 157 1.19 -5.92 25.11
N ASP D 158 0.31 -6.40 25.99
CA ASP D 158 -0.58 -7.55 25.74
C ASP D 158 0.16 -8.86 25.46
N LYS D 159 1.38 -9.00 25.99
CA LYS D 159 2.08 -10.27 25.96
C LYS D 159 1.70 -11.05 27.21
N PRO D 160 1.26 -12.33 27.05
CA PRO D 160 1.00 -13.17 28.22
C PRO D 160 2.23 -13.31 29.11
N LEU D 161 2.01 -13.36 30.42
CA LEU D 161 3.11 -13.57 31.37
C LEU D 161 3.71 -14.96 31.19
N LYS D 162 2.83 -15.93 30.92
CA LYS D 162 3.21 -17.28 30.53
C LYS D 162 2.67 -17.58 29.12
N PRO D 163 3.42 -17.18 28.07
CA PRO D 163 2.95 -17.41 26.71
C PRO D 163 2.93 -18.90 26.38
N PRO D 164 1.82 -19.40 25.77
CA PRO D 164 1.85 -20.75 25.20
C PRO D 164 2.94 -20.87 24.16
N LYS D 165 3.71 -21.95 24.25
CA LYS D 165 4.82 -22.18 23.35
C LYS D 165 4.52 -23.43 22.51
N VAL D 166 4.75 -23.34 21.20
CA VAL D 166 4.56 -24.46 20.29
C VAL D 166 5.64 -25.52 20.55
N GLU D 167 5.20 -26.70 20.95
CA GLU D 167 6.09 -27.86 21.10
C GLU D 167 6.33 -28.52 19.74
N GLU D 168 5.25 -28.78 19.03
CA GLU D 168 5.31 -29.31 17.68
C GLU D 168 4.03 -29.03 16.94
N ILE D 169 4.08 -29.17 15.63
CA ILE D 169 2.89 -29.16 14.79
C ILE D 169 2.88 -30.47 13.99
N ILE D 170 1.83 -31.26 14.20
CA ILE D 170 1.65 -32.50 13.45
C ILE D 170 0.73 -32.23 12.27
N VAL D 171 1.26 -32.40 11.07
CA VAL D 171 0.47 -32.28 9.84
C VAL D 171 -0.10 -33.65 9.47
N PHE D 172 -1.43 -33.75 9.46
CA PHE D 172 -2.15 -35.00 9.11
C PHE D 172 -2.56 -35.10 7.65
N LYS D 173 -2.76 -33.96 7.00
CA LYS D 173 -2.93 -33.90 5.55
C LYS D 173 -2.38 -32.60 4.97
N ASN D 174 -1.42 -32.73 4.07
CA ASN D 174 -0.97 -31.62 3.23
C ASN D 174 -1.49 -31.87 1.83
N PRO D 175 -2.47 -31.06 1.37
CA PRO D 175 -3.13 -31.34 0.09
C PRO D 175 -2.28 -30.98 -1.13
N PHE D 176 -1.12 -30.38 -0.93
CA PHE D 176 -0.18 -30.11 -2.00
C PHE D 176 0.79 -31.28 -2.12
N GLU D 177 0.75 -32.15 -1.11
CA GLU D 177 1.32 -33.52 -1.10
C GLU D 177 2.57 -33.68 -0.21
N DAL E 1 17.54 -7.78 1.15
CA DAL E 1 18.22 -6.65 0.52
CB DAL E 1 19.49 -7.11 -0.19
C DAL E 1 18.55 -5.60 1.58
O DAL E 1 19.00 -5.95 2.67
N MLE E 2 18.33 -4.32 1.27
CN MLE E 2 17.65 -3.91 0.03
CA MLE E 2 18.76 -3.26 2.21
CB MLE E 2 19.99 -2.47 1.72
CG MLE E 2 21.29 -3.29 1.62
CD1 MLE E 2 22.26 -2.66 0.65
CD2 MLE E 2 21.99 -3.45 2.96
C MLE E 2 17.64 -2.33 2.63
O MLE E 2 17.56 -1.19 2.14
N MLE E 3 16.76 -2.79 3.54
CN MLE E 3 16.90 -4.06 4.24
CA MLE E 3 15.55 -1.99 3.84
CB MLE E 3 14.24 -2.73 3.53
CG MLE E 3 14.09 -3.08 2.04
CD1 MLE E 3 12.72 -3.71 1.76
CD2 MLE E 3 14.32 -1.90 1.09
C MLE E 3 15.57 -1.38 5.22
O MLE E 3 16.29 -1.86 6.11
N MVA E 4 14.80 -0.30 5.41
CN MVA E 4 14.16 0.39 4.30
CA MVA E 4 14.52 0.24 6.75
CB MVA E 4 15.30 1.50 7.15
CG1 MVA E 4 15.44 1.57 8.67
CG2 MVA E 4 16.65 1.66 6.45
C MVA E 4 13.07 0.63 6.77
O MVA E 4 12.43 0.60 7.82
N BMT E 5 12.79 -1.68 7.76
CN BMT E 5 13.64 -2.83 8.02
CA BMT E 5 11.36 -1.62 8.08
C BMT E 5 11.15 -1.65 9.58
O BMT E 5 12.12 -1.47 10.33
CB BMT E 5 10.51 -2.66 7.31
OG1 BMT E 5 10.89 -3.97 7.69
CG2 BMT E 5 10.59 -2.49 5.78
CD1 BMT E 5 10.12 -1.12 5.31
CD2 BMT E 5 9.87 -3.61 5.00
CE BMT E 5 8.37 -3.50 5.03
CZ BMT E 5 7.56 -4.39 5.87
CH BMT E 5 6.10 -4.65 5.59
N ABA E 6 9.91 -1.85 10.03
CA ABA E 6 9.60 -1.85 11.46
C ABA E 6 8.79 -3.08 11.87
O ABA E 6 7.60 -2.97 12.16
CB ABA E 6 8.81 -0.57 11.83
CG ABA E 6 9.64 0.70 11.66
N SAR E 7 9.41 -4.26 11.90
CA SAR E 7 8.63 -5.46 12.19
C SAR E 7 8.86 -6.66 11.29
O SAR E 7 9.24 -7.72 11.79
CN SAR E 7 10.86 -4.45 11.69
N MLE E 8 8.63 -6.49 9.99
CN MLE E 8 7.95 -5.31 9.45
CA MLE E 8 9.07 -7.52 9.02
CB MLE E 8 7.95 -8.01 8.08
CG MLE E 8 6.60 -8.22 8.76
CD1 MLE E 8 5.47 -8.23 7.73
CD2 MLE E 8 6.60 -9.46 9.64
C MLE E 8 10.27 -7.08 8.22
O MLE E 8 10.11 -6.42 7.19
N VAL E 9 11.46 -7.42 8.68
CA VAL E 9 12.69 -7.12 7.95
C VAL E 9 12.70 -7.96 6.68
N MLE E 10 12.84 -7.34 5.52
CN MLE E 10 13.03 -5.88 5.40
CA MLE E 10 12.83 -8.13 4.28
CB MLE E 10 11.78 -7.72 3.22
CG MLE E 10 10.38 -7.40 3.76
CD1 MLE E 10 9.50 -6.79 2.67
CD2 MLE E 10 9.69 -8.56 4.46
C MLE E 10 14.22 -8.20 3.69
O MLE E 10 15.15 -7.63 4.26
N ALA E 11 14.35 -8.91 2.57
CA ALA E 11 15.63 -9.11 1.90
C ALA E 11 16.22 -7.80 1.35
N DAL F 1 -23.16 -14.62 -5.54
CA DAL F 1 -23.06 -14.43 -4.09
CB DAL F 1 -23.64 -15.65 -3.38
C DAL F 1 -23.83 -13.16 -3.71
O DAL F 1 -24.96 -12.96 -4.19
N MLE F 2 -23.23 -12.32 -2.87
CN MLE F 2 -21.89 -12.55 -2.34
CA MLE F 2 -23.93 -11.06 -2.46
CB MLE F 2 -24.47 -11.14 -1.02
CG MLE F 2 -25.60 -12.15 -0.82
CD1 MLE F 2 -25.82 -12.37 0.67
CD2 MLE F 2 -26.91 -11.75 -1.50
C MLE F 2 -23.11 -9.81 -2.68
O MLE F 2 -22.58 -9.26 -1.73
N MLE F 3 -23.02 -9.36 -3.94
CN MLE F 3 -23.73 -9.98 -5.06
CA MLE F 3 -22.15 -8.21 -4.24
CB MLE F 3 -21.08 -8.52 -5.30
CG MLE F 3 -20.19 -9.71 -4.95
CD1 MLE F 3 -19.29 -10.08 -6.13
CD2 MLE F 3 -19.38 -9.51 -3.66
C MLE F 3 -22.89 -6.91 -4.53
O MLE F 3 -24.05 -6.94 -4.93
N MVA F 4 -22.21 -5.77 -4.33
CN MVA F 4 -20.95 -5.74 -3.61
CA MVA F 4 -22.72 -4.48 -4.88
CB MVA F 4 -23.28 -3.49 -3.85
CG1 MVA F 4 -24.18 -2.49 -4.53
CG2 MVA F 4 -24.04 -4.17 -2.71
C MVA F 4 -21.65 -3.83 -5.73
O MVA F 4 -21.37 -2.64 -5.62
N BMT F 5 -22.35 -5.02 -7.68
CN BMT F 5 -23.56 -5.65 -8.19
CA BMT F 5 -21.41 -4.20 -8.46
C BMT F 5 -22.09 -3.13 -9.29
O BMT F 5 -23.26 -2.84 -9.05
CB BMT F 5 -20.42 -5.05 -9.25
OG1 BMT F 5 -21.15 -5.79 -10.20
CG2 BMT F 5 -19.57 -6.04 -8.41
CD1 BMT F 5 -18.76 -5.37 -7.29
CD2 BMT F 5 -18.66 -6.90 -9.29
CE BMT F 5 -17.51 -6.09 -9.87
CZ BMT F 5 -16.81 -6.52 -11.09
CH BMT F 5 -16.94 -5.72 -12.36
N ABA F 6 -21.39 -2.55 -10.28
CA ABA F 6 -21.95 -1.50 -11.13
C ABA F 6 -21.97 -1.81 -12.66
O ABA F 6 -21.30 -1.11 -13.43
CB ABA F 6 -21.23 -0.17 -10.88
CG ABA F 6 -21.43 0.35 -9.48
N SAR F 7 -22.72 -2.82 -13.12
CA SAR F 7 -22.53 -3.29 -14.50
C SAR F 7 -22.49 -4.79 -14.71
O SAR F 7 -23.46 -5.34 -15.24
CN SAR F 7 -23.74 -3.51 -12.35
N MLE F 8 -21.40 -5.45 -14.33
CN MLE F 8 -20.18 -4.74 -13.94
CA MLE F 8 -21.42 -6.92 -14.27
CB MLE F 8 -20.08 -7.54 -14.69
CG MLE F 8 -20.11 -7.93 -16.17
CD1 MLE F 8 -19.05 -7.18 -16.97
CD2 MLE F 8 -19.99 -9.43 -16.31
C MLE F 8 -21.83 -7.46 -12.92
O MLE F 8 -20.96 -7.69 -12.07
N VAL F 9 -23.13 -7.66 -12.72
CA VAL F 9 -23.66 -8.19 -11.46
C VAL F 9 -23.26 -9.67 -11.26
N MLE F 10 -22.49 -9.97 -10.22
CN MLE F 10 -22.23 -9.03 -9.12
CA MLE F 10 -21.87 -11.31 -10.11
CB MLE F 10 -20.35 -11.35 -9.85
CG MLE F 10 -19.45 -10.51 -10.77
CD1 MLE F 10 -18.01 -10.55 -10.28
CD2 MLE F 10 -19.52 -10.91 -12.24
C MLE F 10 -22.57 -12.17 -9.08
O MLE F 10 -23.60 -11.76 -8.53
N ALA F 11 -22.03 -13.37 -8.82
CA ALA F 11 -22.62 -14.32 -7.90
C ALA F 11 -22.35 -14.02 -6.41
N DAL G 1 11.91 21.40 -12.10
CA DAL G 1 12.98 20.56 -11.54
CB DAL G 1 14.04 21.43 -10.84
C DAL G 1 13.65 19.69 -12.61
O DAL G 1 13.96 20.17 -13.72
N MLE G 2 13.87 18.41 -12.29
CN MLE G 2 13.74 17.92 -10.93
CA MLE G 2 14.24 17.43 -13.34
CB MLE G 2 15.69 16.92 -13.20
CG MLE G 2 16.80 17.97 -13.34
CD1 MLE G 2 18.12 17.47 -12.77
CD2 MLE G 2 17.02 18.44 -14.77
C MLE G 2 13.24 16.29 -13.42
O MLE G 2 13.50 15.22 -12.83
N MLE G 3 12.11 16.49 -14.11
CN MLE G 3 11.86 17.70 -14.88
CA MLE G 3 11.03 15.48 -14.10
CB MLE G 3 9.72 16.05 -13.53
CG MLE G 3 9.78 16.41 -12.04
CD1 MLE G 3 8.43 16.98 -11.59
CD2 MLE G 3 10.21 15.28 -11.12
C MLE G 3 10.77 14.76 -15.42
O MLE G 3 11.10 15.29 -16.49
N MVA G 4 10.23 13.55 -15.34
CN MVA G 4 9.99 12.87 -14.06
CA MVA G 4 9.79 12.79 -16.53
CB MVA G 4 10.80 11.81 -17.16
CG1 MVA G 4 10.59 11.74 -18.65
CG2 MVA G 4 12.26 12.11 -16.86
C MVA G 4 8.58 11.98 -16.18
O MVA G 4 7.71 11.77 -17.02
N BMT G 5 7.50 14.39 -17.17
CN BMT G 5 7.90 15.73 -17.59
CA BMT G 5 6.12 13.87 -17.17
C BMT G 5 5.60 13.68 -18.59
O BMT G 5 6.35 13.83 -19.53
CB BMT G 5 5.18 14.65 -16.24
OG1 BMT G 5 4.94 15.94 -16.75
CG2 BMT G 5 5.69 14.78 -14.79
CD1 BMT G 5 5.89 13.42 -14.12
CD2 BMT G 5 4.79 15.70 -13.95
CE BMT G 5 3.42 15.10 -13.72
CZ BMT G 5 2.25 15.94 -13.44
CH BMT G 5 1.06 15.93 -14.36
N ABA G 6 4.33 13.31 -18.72
CA ABA G 6 3.69 13.12 -20.04
C ABA G 6 2.58 14.14 -20.36
O ABA G 6 1.40 13.77 -20.40
CB ABA G 6 3.11 11.71 -20.15
CG ABA G 6 4.11 10.62 -19.82
N SAR G 7 2.93 15.40 -20.61
CA SAR G 7 1.89 16.40 -20.86
C SAR G 7 2.19 17.75 -20.24
O SAR G 7 2.56 18.68 -20.96
CN SAR G 7 4.30 15.90 -20.67
N MLE G 8 2.03 17.88 -18.92
CN MLE G 8 1.50 16.79 -18.09
CA MLE G 8 2.43 19.13 -18.25
CB MLE G 8 1.38 19.61 -17.23
CG MLE G 8 0.09 20.07 -17.89
CD1 MLE G 8 -1.12 19.76 -17.01
CD2 MLE G 8 0.14 21.56 -18.24
C MLE G 8 3.80 18.98 -17.64
O MLE G 8 3.91 18.42 -16.56
N VAL G 9 4.83 19.46 -18.33
CA VAL G 9 6.21 19.32 -17.86
C VAL G 9 6.52 20.35 -16.76
N MLE G 10 6.87 19.88 -15.55
CN MLE G 10 7.29 18.50 -15.32
CA MLE G 10 6.88 20.77 -14.38
CB MLE G 10 6.15 20.21 -13.16
CG MLE G 10 4.68 19.83 -13.40
CD1 MLE G 10 4.07 19.28 -12.12
CD2 MLE G 10 3.85 20.99 -13.97
C MLE G 10 8.27 21.26 -14.02
O MLE G 10 9.19 21.17 -14.82
N ALA G 11 8.42 21.78 -12.79
CA ALA G 11 9.68 22.33 -12.32
C ALA G 11 10.63 21.25 -11.78
N DAL H 1 -7.08 0.76 18.20
CA DAL H 1 -8.27 0.01 17.83
CB DAL H 1 -9.47 0.45 18.68
C DAL H 1 -8.02 -1.50 17.98
O DAL H 1 -7.40 -1.92 18.95
N MLE H 2 -8.48 -2.30 17.01
CN MLE H 2 -9.07 -1.77 15.78
CA MLE H 2 -8.38 -3.77 17.16
CB MLE H 2 -9.73 -4.46 17.45
CG MLE H 2 -10.35 -4.12 18.81
CD1 MLE H 2 -11.79 -4.60 18.91
CD2 MLE H 2 -9.53 -4.68 19.97
C MLE H 2 -7.69 -4.43 15.99
O MLE H 2 -8.36 -5.08 15.17
N MLE H 3 -6.37 -4.25 15.86
CN MLE H 3 -5.55 -3.62 16.90
CA MLE H 3 -5.68 -4.66 14.62
CB MLE H 3 -4.91 -3.49 13.98
CG MLE H 3 -5.82 -2.35 13.48
CD1 MLE H 3 -5.03 -1.39 12.60
CD2 MLE H 3 -7.07 -2.84 12.76
C MLE H 3 -4.80 -5.88 14.82
O MLE H 3 -4.40 -6.16 15.94
N MVA H 4 -4.49 -6.61 13.74
CN MVA H 4 -5.13 -6.44 12.44
CA MVA H 4 -3.42 -7.63 13.81
CB MVA H 4 -3.93 -9.09 13.80
CG1 MVA H 4 -2.85 -10.02 14.36
CG2 MVA H 4 -5.27 -9.30 14.52
C MVA H 4 -2.42 -7.34 12.70
O MVA H 4 -1.89 -8.25 12.05
N BMT H 5 -1.22 -6.11 13.73
CN BMT H 5 -1.21 -5.59 15.08
CA BMT H 5 -0.12 -5.89 12.78
C BMT H 5 1.15 -6.62 13.22
O BMT H 5 1.12 -7.39 14.20
CB BMT H 5 0.08 -4.41 12.41
OG1 BMT H 5 0.53 -3.74 13.56
CG2 BMT H 5 -1.20 -3.72 11.90
CD1 BMT H 5 -1.84 -4.42 10.69
CD2 BMT H 5 -1.02 -2.23 11.65
CE BMT H 5 -0.16 -1.94 10.43
CZ BMT H 5 1.14 -1.29 10.58
CH BMT H 5 1.86 -0.77 9.37
N ABA H 6 2.24 -6.40 12.51
CA ABA H 6 3.51 -7.05 12.84
C ABA H 6 4.63 -6.02 12.98
O ABA H 6 5.44 -5.83 12.05
CB ABA H 6 3.88 -8.09 11.77
CG ABA H 6 2.76 -9.08 11.50
N SAR H 7 4.69 -5.32 14.11
CA SAR H 7 5.70 -4.26 14.24
C SAR H 7 5.16 -2.95 14.75
O SAR H 7 5.55 -2.53 15.84
CN SAR H 7 3.80 -5.52 15.26
N MLE H 8 4.27 -2.29 13.99
CN MLE H 8 3.81 -2.79 12.70
CA MLE H 8 3.66 -1.05 14.47
CB MLE H 8 3.72 0.09 13.45
CG MLE H 8 5.11 0.35 12.82
CD1 MLE H 8 5.05 1.32 11.65
CD2 MLE H 8 6.15 0.81 13.83
C MLE H 8 2.24 -1.33 14.90
O MLE H 8 1.32 -1.33 14.08
N VAL H 9 2.06 -1.63 16.18
CA VAL H 9 0.72 -1.89 16.70
C VAL H 9 -0.07 -0.59 16.80
N MLE H 10 -1.23 -0.51 16.12
CN MLE H 10 -1.83 -1.65 15.42
CA MLE H 10 -1.94 0.77 16.07
CB MLE H 10 -2.32 1.23 14.66
CG MLE H 10 -1.22 1.14 13.61
CD1 MLE H 10 -1.80 1.42 12.23
CD2 MLE H 10 -0.02 2.04 13.90
C MLE H 10 -3.12 0.81 17.01
O MLE H 10 -3.35 -0.14 17.77
N ALA H 11 -3.86 1.92 17.00
CA ALA H 11 -5.06 2.07 17.80
C ALA H 11 -6.17 1.14 17.30
S SO4 I . -0.46 13.94 8.33
O1 SO4 I . 0.94 14.25 8.09
O2 SO4 I . -0.79 14.19 9.74
O3 SO4 I . -1.34 14.75 7.49
O4 SO4 I . -0.68 12.53 8.00
S SO4 J . 0.32 1.93 -3.97
O1 SO4 J . -0.82 2.85 -4.03
O2 SO4 J . 1.55 2.69 -4.22
O3 SO4 J . 0.38 1.30 -2.65
O4 SO4 J . 0.19 0.89 -4.98
S SO4 K . -4.07 0.88 -2.17
O1 SO4 K . -4.14 0.20 -3.46
O2 SO4 K . -4.12 2.33 -2.36
O3 SO4 K . -5.18 0.48 -1.32
O4 SO4 K . -2.81 0.54 -1.50
S SO4 L . 9.31 -5.76 19.94
O1 SO4 L . 10.12 -4.62 19.49
O2 SO4 L . 10.15 -6.66 20.74
O3 SO4 L . 8.18 -5.34 20.74
O4 SO4 L . 8.83 -6.46 18.76
S SO4 M . 23.95 -14.66 17.64
O1 SO4 M . 25.09 -13.90 17.13
O2 SO4 M . 24.00 -14.74 19.09
O3 SO4 M . 22.70 -13.99 17.28
O4 SO4 M . 23.98 -16.00 17.08
C1 EDO N . -1.63 19.02 14.99
O1 EDO N . -2.00 17.83 14.30
C2 EDO N . -2.41 19.11 16.29
O2 EDO N . -1.73 19.94 17.25
S SO4 O . -9.13 10.72 -5.03
O1 SO4 O . -9.53 11.63 -6.09
O2 SO4 O . -7.80 11.11 -4.54
O3 SO4 O . -10.06 10.81 -3.92
O4 SO4 O . -9.08 9.35 -5.55
S SO4 P . -28.24 -7.84 11.22
O1 SO4 P . -28.23 -6.83 10.17
O2 SO4 P . -27.66 -7.27 12.42
O3 SO4 P . -29.62 -8.25 11.48
O4 SO4 P . -27.47 -9.02 10.78
S SO4 Q . -7.99 0.67 9.18
O1 SO4 Q . -6.59 1.03 9.41
O2 SO4 Q . -8.23 -0.64 9.75
O3 SO4 Q . -8.85 1.65 9.83
O4 SO4 Q . -8.27 0.64 7.74
S SO4 R . -4.36 -5.35 -5.45
O1 SO4 R . -5.19 -5.12 -6.63
O2 SO4 R . -3.25 -4.40 -5.40
O3 SO4 R . -5.19 -5.17 -4.27
O4 SO4 R . -3.86 -6.72 -5.51
S SO4 S . -0.49 8.13 -2.25
O1 SO4 S . -0.25 9.30 -1.40
O2 SO4 S . 0.77 7.46 -2.55
O3 SO4 S . -1.40 7.20 -1.56
O4 SO4 S . -1.09 8.60 -3.50
S SO4 T . -1.75 -3.67 -14.11
O1 SO4 T . -0.41 -4.06 -14.52
O2 SO4 T . -2.18 -4.59 -13.05
O3 SO4 T . -1.76 -2.31 -13.61
O4 SO4 T . -2.64 -3.75 -15.27
S SO4 U . -3.93 -8.49 -19.78
O1 SO4 U . -4.12 -8.76 -21.19
O2 SO4 U . -2.53 -8.73 -19.43
O3 SO4 U . -4.29 -7.12 -19.48
O4 SO4 U . -4.76 -9.40 -18.99
S SO4 V . 10.93 -8.68 -35.35
O1 SO4 V . 10.92 -8.14 -36.71
O2 SO4 V . 12.28 -9.17 -35.04
O3 SO4 V . 10.56 -7.64 -34.40
O4 SO4 V . 9.99 -9.80 -35.25
S SO4 W . 26.58 9.43 -13.09
O1 SO4 W . 28.03 9.48 -13.26
O2 SO4 W . 26.25 8.14 -12.52
O3 SO4 W . 26.16 10.51 -12.18
O4 SO4 W . 25.93 9.58 -14.39
S SO4 X . 10.98 -2.74 -2.87
O1 SO4 X . 11.07 -1.78 -3.98
O2 SO4 X . 12.31 -3.21 -2.48
O3 SO4 X . 10.36 -2.11 -1.71
O4 SO4 X . 10.18 -3.88 -3.31
S SO4 Y . 11.41 -22.72 -33.29
O1 SO4 Y . 11.38 -22.34 -34.70
O2 SO4 Y . 12.75 -22.57 -32.72
O3 SO4 Y . 10.49 -21.85 -32.55
O4 SO4 Y . 10.98 -24.12 -33.15
C1 EDO Z . 10.88 -18.55 -33.32
O1 EDO Z . 10.64 -19.38 -32.17
C2 EDO Z . 11.78 -17.38 -32.94
O2 EDO Z . 11.27 -16.76 -31.74
S SO4 AA . -13.31 -28.49 21.87
O1 SO4 AA . -13.15 -27.65 20.68
O2 SO4 AA . -12.37 -28.11 22.93
O3 SO4 AA . -14.66 -28.29 22.40
O4 SO4 AA . -13.09 -29.88 21.47
S SO4 BA . 11.34 -8.53 17.78
O1 SO4 BA . 11.26 -8.65 16.33
O2 SO4 BA . 12.48 -9.30 18.29
O3 SO4 BA . 11.51 -7.12 18.13
O4 SO4 BA . 10.09 -9.05 18.35
S SO4 CA . -18.92 -13.41 18.56
O1 SO4 CA . -17.75 -13.62 17.72
O2 SO4 CA . -18.69 -14.06 19.85
O3 SO4 CA . -19.14 -11.98 18.75
O4 SO4 CA . -20.09 -14.00 17.93
S SO4 DA . 2.17 -14.98 -4.45
O1 SO4 DA . 1.96 -14.91 -5.90
O2 SO4 DA . 3.34 -15.82 -4.18
O3 SO4 DA . 2.41 -13.64 -3.95
O4 SO4 DA . 0.99 -15.56 -3.81
S SO4 EA . 6.71 -21.58 -5.43
O1 SO4 EA . 7.10 -21.63 -6.83
O2 SO4 EA . 7.39 -22.65 -4.71
O3 SO4 EA . 7.06 -20.27 -4.87
O4 SO4 EA . 5.25 -21.78 -5.32
S SO4 FA . -18.19 -28.76 10.66
O1 SO4 FA . -17.97 -28.41 9.25
O2 SO4 FA . -16.92 -29.10 11.31
O3 SO4 FA . -18.80 -27.62 11.34
O4 SO4 FA . -19.08 -29.91 10.72
C1 EDO GA . -7.88 -31.03 20.34
O1 EDO GA . -6.59 -31.64 20.15
C2 EDO GA . -8.51 -31.54 21.63
O2 EDO GA . -8.14 -30.68 22.71
C1 EDO HA . -3.69 -7.00 32.26
O1 EDO HA . -3.80 -6.39 30.97
C2 EDO HA . -4.79 -8.07 32.43
O2 EDO HA . -4.43 -9.24 31.69
C1 EDO IA . -0.04 -23.93 -4.52
O1 EDO IA . -0.73 -23.63 -5.72
C2 EDO IA . -0.04 -22.66 -3.67
O2 EDO IA . 1.32 -22.27 -3.47
C1 EDO JA . 3.31 -7.58 18.57
O1 EDO JA . 2.23 -7.51 17.63
C2 EDO JA . 3.08 -6.63 19.75
O2 EDO JA . 3.87 -5.45 19.61
C1 EDO KA . 16.29 18.77 -8.63
O1 EDO KA . 17.12 17.81 -7.95
C2 EDO KA . 15.93 19.94 -7.71
O2 EDO KA . 14.52 20.27 -7.79
#